data_4XH9
#
_entry.id   4XH9
#
_cell.length_a   54.100
_cell.length_b   101.400
_cell.length_c   116.200
_cell.angle_alpha   90.00
_cell.angle_beta   94.30
_cell.angle_gamma   90.00
#
_symmetry.space_group_name_H-M   'P 1 21 1'
#
loop_
_entity.id
_entity.type
_entity.pdbx_description
1 polymer 'Neuroepithelial cell-transforming gene 1 protein'
2 polymer 'Transforming protein RhoA'
3 water water
#
loop_
_entity_poly.entity_id
_entity_poly.type
_entity_poly.pdbx_seq_one_letter_code
_entity_poly.pdbx_strand_id
1 'polypeptide(L)'
;MGKRRSSALWSEMLDITMKESLTTREIRRQEAIYEMSRGEQDLIEDLKLARKAYHDPMLKLSIMSEEELTHIFGDLDSYI
PLHEDLLTRIGEATKPDGTVEQIGHILVSWLPRLNAYRGYCSNQLAAKALLDQKKQDPRVQDFLQRCLESPFSRKLDLWS
FLDIPRSRLVKYPLLLKEILKHTPKEHPDVQLLEDAILIIQGVLSDINLKKGESECQYYIDKLEYLDEKQRDPRIEASKV
LLCHGELRSKSGHKLYIFLFQDILVLTRPVTRNERHSYQVYRQPIPVQELVLEDLQDGDVRMGGSFRGAFSNSEKAKNIF
RIRFHDPSPAQSHTLQANDVFHKQQWFNCIRAAIAHHHHHH
;
A,D
2 'polypeptide(L)'
;GAAIRKKLVIVGDGACGKTCLLIVNSKDQFPEVYVPTVFENYVADIEVDGKQVELALWDTAGQEDYDRLRPLSYPDTDVI
LMCFSIDSPDSLENIPEKWTPEVKHFCPNVPIILVGNKKDLRNDEHTRRELAKMKQEPVKPEEGRDMANRIGAFGYMECS
AKTKDGVREVFEMATRAALQ
;
B,E
#
# COMPACT_ATOMS: atom_id res chain seq x y z
N MET A 13 -16.15 -4.57 20.06
CA MET A 13 -16.44 -3.84 21.30
C MET A 13 -16.69 -4.79 22.47
N LEU A 14 -17.00 -4.19 23.63
CA LEU A 14 -17.30 -4.92 24.86
C LEU A 14 -18.78 -5.26 24.96
N ASP A 15 -19.59 -4.60 24.13
CA ASP A 15 -21.02 -4.83 24.10
C ASP A 15 -21.35 -6.14 23.39
N ILE A 16 -20.43 -6.60 22.56
CA ILE A 16 -20.72 -7.66 21.61
C ILE A 16 -20.56 -9.04 22.27
N THR A 17 -21.37 -9.99 21.82
CA THR A 17 -21.30 -11.38 22.28
C THR A 17 -19.89 -11.93 22.18
N MET A 18 -19.46 -12.71 23.16
CA MET A 18 -18.12 -13.28 23.12
C MET A 18 -18.00 -14.29 21.99
N LYS A 19 -19.10 -14.95 21.65
CA LYS A 19 -19.12 -15.91 20.55
C LYS A 19 -18.72 -15.22 19.25
N GLU A 20 -19.16 -13.97 19.07
CA GLU A 20 -18.79 -13.22 17.88
C GLU A 20 -17.30 -13.02 17.80
N SER A 21 -16.67 -13.84 16.97
CA SER A 21 -15.21 -13.89 16.87
C SER A 21 -14.74 -13.79 15.42
N LEU A 22 -14.34 -12.60 15.01
CA LEU A 22 -13.88 -12.35 13.66
C LEU A 22 -12.43 -11.85 13.69
N THR A 23 -11.92 -11.50 12.52
CA THR A 23 -10.59 -10.92 12.37
C THR A 23 -10.42 -9.67 13.23
N THR A 24 -9.17 -9.30 13.48
CA THR A 24 -8.88 -8.07 14.19
C THR A 24 -9.35 -6.87 13.37
N ARG A 25 -9.33 -7.02 12.04
CA ARG A 25 -9.66 -5.92 11.15
C ARG A 25 -11.13 -5.51 11.20
N GLU A 26 -12.03 -6.49 11.23
CA GLU A 26 -13.46 -6.18 11.27
C GLU A 26 -13.86 -5.59 12.62
N ILE A 27 -13.23 -6.08 13.67
CA ILE A 27 -13.43 -5.52 15.00
C ILE A 27 -13.07 -4.03 14.98
N ARG A 28 -12.01 -3.71 14.28
CA ARG A 28 -11.60 -2.35 14.13
C ARG A 28 -12.58 -1.57 13.34
N ARG A 29 -13.15 -2.17 12.32
CA ARG A 29 -14.16 -1.51 11.50
C ARG A 29 -15.40 -1.22 12.34
N GLN A 30 -15.77 -2.18 13.19
CA GLN A 30 -16.93 -2.04 14.05
C GLN A 30 -16.64 -1.05 15.17
N GLU A 31 -15.40 -1.03 15.65
CA GLU A 31 -14.98 -0.06 16.65
C GLU A 31 -15.02 1.36 16.08
N ALA A 32 -14.59 1.50 14.82
CA ALA A 32 -14.58 2.79 14.15
C ALA A 32 -15.99 3.30 13.90
N ILE A 33 -16.86 2.40 13.47
CA ILE A 33 -18.27 2.73 13.28
C ILE A 33 -18.88 3.18 14.60
N TYR A 34 -18.52 2.48 15.66
CA TYR A 34 -19.07 2.74 16.98
C TYR A 34 -18.53 4.03 17.59
N GLU A 35 -17.27 4.33 17.31
CA GLU A 35 -16.68 5.57 17.79
C GLU A 35 -17.41 6.77 17.22
N MET A 36 -17.78 6.68 15.94
CA MET A 36 -18.52 7.75 15.29
C MET A 36 -19.87 7.95 15.97
N SER A 37 -20.52 6.85 16.34
CA SER A 37 -21.81 6.87 17.00
C SER A 37 -21.72 7.50 18.39
N ARG A 38 -20.70 7.11 19.15
CA ARG A 38 -20.49 7.66 20.48
C ARG A 38 -20.22 9.17 20.41
N GLY A 39 -19.51 9.59 19.37
CA GLY A 39 -19.24 11.00 19.14
C GLY A 39 -20.51 11.78 18.85
N GLU A 40 -21.45 11.16 18.17
CA GLU A 40 -22.73 11.80 17.91
C GLU A 40 -23.51 11.99 19.20
N GLN A 41 -23.50 10.98 20.06
CA GLN A 41 -24.21 11.05 21.34
C GLN A 41 -23.62 12.12 22.25
N ASP A 42 -22.30 12.18 22.31
CA ASP A 42 -21.61 13.22 23.09
C ASP A 42 -21.96 14.60 22.57
N LEU A 43 -21.92 14.74 21.25
CA LEU A 43 -22.29 15.97 20.55
C LEU A 43 -23.67 16.47 21.00
N ILE A 44 -24.64 15.59 20.97
CA ILE A 44 -26.02 15.95 21.30
C ILE A 44 -26.13 16.44 22.74
N GLU A 45 -25.51 15.71 23.66
CA GLU A 45 -25.56 16.05 25.08
C GLU A 45 -24.91 17.40 25.37
N ASP A 46 -23.80 17.70 24.68
CA ASP A 46 -23.08 18.94 24.94
C ASP A 46 -23.77 20.16 24.31
N LEU A 47 -24.48 19.95 23.21
CA LEU A 47 -25.22 21.04 22.58
C LEU A 47 -26.43 21.43 23.45
N LYS A 48 -27.06 20.43 24.06
CA LYS A 48 -28.17 20.66 24.97
C LYS A 48 -27.67 21.37 26.22
N LEU A 49 -26.50 20.96 26.70
CA LEU A 49 -25.90 21.54 27.88
C LEU A 49 -25.52 23.00 27.65
N ALA A 50 -25.03 23.30 26.46
CA ALA A 50 -24.64 24.67 26.11
C ALA A 50 -25.82 25.62 26.20
N ARG A 51 -26.98 25.18 25.73
CA ARG A 51 -28.17 26.00 25.78
C ARG A 51 -28.65 26.14 27.23
N LYS A 52 -28.66 25.03 27.95
CA LYS A 52 -29.30 24.97 29.25
C LYS A 52 -28.44 25.53 30.37
N ALA A 53 -27.12 25.41 30.23
CA ALA A 53 -26.22 25.81 31.30
C ALA A 53 -25.67 27.22 31.13
N TYR A 54 -25.59 27.69 29.88
CA TYR A 54 -24.99 29.00 29.61
C TYR A 54 -26.04 30.00 29.12
N HIS A 55 -26.69 29.68 28.02
CA HIS A 55 -27.64 30.60 27.39
C HIS A 55 -28.82 30.93 28.30
N ASP A 56 -29.53 29.88 28.74
CA ASP A 56 -30.76 30.07 29.50
C ASP A 56 -30.54 30.80 30.84
N PRO A 57 -29.52 30.42 31.62
CA PRO A 57 -29.33 31.19 32.86
C PRO A 57 -28.95 32.65 32.62
N MET A 58 -28.10 32.92 31.64
CA MET A 58 -27.70 34.29 31.35
C MET A 58 -28.89 35.13 30.90
N LEU A 59 -29.81 34.50 30.18
CA LEU A 59 -31.05 35.16 29.77
C LEU A 59 -31.92 35.50 30.97
N LYS A 60 -32.15 34.49 31.82
CA LYS A 60 -33.00 34.66 33.01
C LYS A 60 -32.41 35.62 34.04
N LEU A 61 -31.09 35.66 34.14
CA LEU A 61 -30.44 36.49 35.15
C LEU A 61 -30.11 37.89 34.63
N SER A 62 -30.47 38.15 33.38
CA SER A 62 -30.21 39.43 32.71
C SER A 62 -28.72 39.74 32.70
N ILE A 63 -27.92 38.72 32.44
CA ILE A 63 -26.48 38.86 32.35
C ILE A 63 -26.12 39.36 30.95
N MET A 64 -26.85 38.86 29.97
CA MET A 64 -26.80 39.40 28.62
C MET A 64 -28.21 39.53 28.07
N SER A 65 -28.39 40.43 27.10
CA SER A 65 -29.71 40.63 26.51
C SER A 65 -30.09 39.46 25.61
N GLU A 66 -31.38 39.37 25.30
CA GLU A 66 -31.90 38.31 24.43
C GLU A 66 -31.29 38.41 23.04
N GLU A 67 -31.13 39.63 22.55
CA GLU A 67 -30.55 39.85 21.22
C GLU A 67 -29.06 39.47 21.22
N GLU A 68 -28.35 39.82 22.28
CA GLU A 68 -26.95 39.47 22.41
C GLU A 68 -26.75 37.96 22.44
N LEU A 69 -27.55 37.28 23.25
CA LEU A 69 -27.47 35.84 23.38
C LEU A 69 -27.82 35.11 22.09
N THR A 70 -28.81 35.62 21.37
CA THR A 70 -29.19 35.06 20.09
C THR A 70 -28.06 35.20 19.07
N HIS A 71 -27.35 36.33 19.14
CA HIS A 71 -26.22 36.58 18.27
C HIS A 71 -25.08 35.60 18.55
N ILE A 72 -24.90 35.26 19.81
CA ILE A 72 -23.78 34.41 20.23
C ILE A 72 -24.07 32.92 20.00
N PHE A 73 -25.27 32.50 20.38
CA PHE A 73 -25.64 31.10 20.33
C PHE A 73 -26.30 30.69 19.01
N GLY A 74 -27.08 31.59 18.43
CA GLY A 74 -27.75 31.33 17.17
C GLY A 74 -28.47 29.99 17.12
N ASP A 75 -28.21 29.22 16.06
CA ASP A 75 -28.80 27.90 15.92
C ASP A 75 -27.85 26.78 16.31
N LEU A 76 -26.99 27.04 17.29
CA LEU A 76 -26.02 26.09 17.81
C LEU A 76 -26.58 24.67 17.99
N ASP A 77 -27.75 24.58 18.61
CA ASP A 77 -28.33 23.29 18.97
C ASP A 77 -29.57 22.96 18.13
N SER A 78 -29.80 23.73 17.07
CA SER A 78 -31.00 23.55 16.26
C SER A 78 -30.99 22.26 15.44
N TYR A 79 -29.83 21.64 15.30
CA TYR A 79 -29.73 20.49 14.41
C TYR A 79 -29.44 19.21 15.17
N ILE A 80 -29.80 19.19 16.46
CA ILE A 80 -29.85 17.97 17.24
C ILE A 80 -30.62 16.83 16.54
N PRO A 81 -31.81 17.13 15.97
CA PRO A 81 -32.53 16.02 15.32
C PRO A 81 -31.77 15.41 14.14
N LEU A 82 -30.93 16.20 13.48
CA LEU A 82 -30.08 15.70 12.41
C LEU A 82 -29.15 14.59 12.91
N HIS A 83 -28.52 14.84 14.06
CA HIS A 83 -27.60 13.87 14.63
C HIS A 83 -28.35 12.69 15.26
N GLU A 84 -29.54 12.94 15.79
CA GLU A 84 -30.37 11.88 16.32
C GLU A 84 -30.81 10.96 15.19
N ASP A 85 -31.13 11.55 14.05
CA ASP A 85 -31.51 10.82 12.85
C ASP A 85 -30.43 9.82 12.45
N LEU A 86 -29.16 10.24 12.52
CA LEU A 86 -28.06 9.35 12.18
C LEU A 86 -27.96 8.16 13.13
N LEU A 87 -28.08 8.41 14.43
CA LEU A 87 -28.02 7.36 15.44
C LEU A 87 -29.15 6.36 15.27
N THR A 88 -30.32 6.86 14.88
CA THR A 88 -31.48 6.00 14.64
C THR A 88 -31.21 5.02 13.50
N ARG A 89 -30.64 5.54 12.42
CA ARG A 89 -30.36 4.72 11.24
C ARG A 89 -29.26 3.70 11.49
N ILE A 90 -28.23 4.12 12.24
CA ILE A 90 -27.17 3.20 12.64
C ILE A 90 -27.74 2.11 13.56
N GLY A 91 -28.64 2.52 14.45
CA GLY A 91 -29.28 1.60 15.36
C GLY A 91 -30.11 0.54 14.64
N GLU A 92 -30.86 0.96 13.64
CA GLU A 92 -31.71 0.04 12.90
C GLU A 92 -30.88 -0.83 11.94
N ALA A 93 -29.66 -0.39 11.66
CA ALA A 93 -28.76 -1.16 10.81
C ALA A 93 -27.89 -2.08 11.66
N THR A 94 -28.13 -2.07 12.96
CA THR A 94 -27.38 -2.90 13.89
C THR A 94 -28.12 -4.19 14.19
N LYS A 95 -27.37 -5.27 14.30
CA LYS A 95 -27.92 -6.61 14.54
C LYS A 95 -28.04 -6.95 16.01
N PRO A 96 -28.96 -7.84 16.37
CA PRO A 96 -29.05 -8.30 17.75
C PRO A 96 -27.64 -8.57 18.26
N ASP A 97 -26.80 -9.01 17.32
CA ASP A 97 -25.35 -9.12 17.48
C ASP A 97 -24.71 -7.92 18.20
N GLY A 98 -24.99 -6.72 17.72
CA GLY A 98 -24.17 -5.56 18.04
C GLY A 98 -23.36 -5.14 16.82
N THR A 99 -23.34 -5.98 15.78
CA THR A 99 -22.52 -5.69 14.60
C THR A 99 -23.26 -4.88 13.53
N VAL A 100 -22.50 -4.06 12.83
CA VAL A 100 -23.01 -3.26 11.72
C VAL A 100 -22.34 -3.68 10.41
N GLU A 101 -23.12 -4.16 9.45
CA GLU A 101 -22.57 -4.61 8.18
C GLU A 101 -22.24 -3.49 7.22
N GLN A 102 -23.20 -2.59 7.01
CA GLN A 102 -23.05 -1.57 5.99
C GLN A 102 -23.47 -0.22 6.52
N ILE A 103 -22.69 0.81 6.21
CA ILE A 103 -22.94 2.14 6.74
C ILE A 103 -22.74 3.21 5.66
N GLY A 104 -22.16 2.80 4.54
CA GLY A 104 -21.87 3.73 3.46
C GLY A 104 -23.09 4.45 2.91
N HIS A 105 -24.16 3.69 2.66
CA HIS A 105 -25.38 4.25 2.12
C HIS A 105 -26.03 5.23 3.09
N ILE A 106 -25.95 4.92 4.38
CA ILE A 106 -26.45 5.82 5.42
C ILE A 106 -25.72 7.16 5.37
N LEU A 107 -24.40 7.10 5.36
CA LEU A 107 -23.57 8.30 5.37
C LEU A 107 -23.74 9.13 4.11
N VAL A 108 -23.84 8.47 2.96
CA VAL A 108 -24.02 9.15 1.68
C VAL A 108 -25.28 10.01 1.69
N SER A 109 -26.32 9.52 2.34
CA SER A 109 -27.58 10.24 2.42
C SER A 109 -27.57 11.30 3.53
N TRP A 110 -26.84 11.03 4.61
CA TRP A 110 -26.89 11.86 5.80
C TRP A 110 -25.92 13.05 5.74
N LEU A 111 -24.68 12.79 5.34
CA LEU A 111 -23.63 13.81 5.33
C LEU A 111 -23.95 15.13 4.61
N PRO A 112 -24.67 15.10 3.47
CA PRO A 112 -25.00 16.39 2.84
C PRO A 112 -25.79 17.35 3.72
N ARG A 113 -26.54 16.80 4.70
CA ARG A 113 -27.37 17.62 5.55
C ARG A 113 -26.56 18.47 6.54
N LEU A 114 -25.26 18.21 6.62
CA LEU A 114 -24.40 18.97 7.53
C LEU A 114 -24.20 20.40 7.00
N ASN A 115 -24.69 20.61 5.79
CA ASN A 115 -24.95 21.94 5.22
C ASN A 115 -25.63 22.88 6.23
N ALA A 116 -26.46 22.31 7.10
CA ALA A 116 -27.19 23.09 8.10
C ALA A 116 -26.28 24.02 8.91
N TYR A 117 -25.04 23.61 9.14
CA TYR A 117 -24.14 24.37 10.02
C TYR A 117 -23.42 25.53 9.34
N ARG A 118 -23.67 25.74 8.04
CA ARG A 118 -23.02 26.82 7.30
C ARG A 118 -23.23 28.18 7.96
N GLY A 119 -24.47 28.46 8.34
CA GLY A 119 -24.82 29.74 8.92
C GLY A 119 -24.17 29.95 10.28
N TYR A 120 -24.25 28.93 11.13
CA TYR A 120 -23.69 29.04 12.47
C TYR A 120 -22.18 29.26 12.43
N CYS A 121 -21.50 28.49 11.61
CA CYS A 121 -20.05 28.58 11.52
C CYS A 121 -19.59 29.91 10.95
N SER A 122 -20.40 30.50 10.06
CA SER A 122 -20.04 31.76 9.44
C SER A 122 -20.29 32.95 10.36
N ASN A 123 -21.07 32.73 11.41
CA ASN A 123 -21.34 33.80 12.38
C ASN A 123 -20.48 33.66 13.63
N GLN A 124 -19.71 32.57 13.70
CA GLN A 124 -18.90 32.28 14.88
C GLN A 124 -17.90 33.41 15.17
N LEU A 125 -17.32 33.95 14.12
CA LEU A 125 -16.38 35.07 14.24
C LEU A 125 -17.04 36.29 14.90
N ALA A 126 -18.25 36.61 14.47
CA ALA A 126 -18.98 37.74 15.02
C ALA A 126 -19.37 37.46 16.47
N ALA A 127 -19.70 36.21 16.75
CA ALA A 127 -20.08 35.82 18.11
C ALA A 127 -18.88 35.97 19.04
N LYS A 128 -17.70 35.60 18.57
CA LYS A 128 -16.49 35.73 19.37
C LYS A 128 -16.18 37.20 19.65
N ALA A 129 -16.42 38.04 18.64
CA ALA A 129 -16.20 39.48 18.81
C ALA A 129 -17.07 40.04 19.94
N LEU A 130 -18.34 39.64 19.98
CA LEU A 130 -19.23 40.12 21.04
C LEU A 130 -18.79 39.61 22.41
N LEU A 131 -18.40 38.35 22.47
CA LEU A 131 -17.88 37.77 23.71
C LEU A 131 -16.65 38.51 24.22
N ASP A 132 -15.71 38.81 23.32
CA ASP A 132 -14.51 39.54 23.68
C ASP A 132 -14.85 40.93 24.17
N GLN A 133 -15.89 41.51 23.56
CA GLN A 133 -16.41 42.80 23.99
C GLN A 133 -16.97 42.71 25.42
N LYS A 134 -17.45 41.53 25.79
CA LYS A 134 -18.05 41.33 27.11
C LYS A 134 -17.01 40.99 28.18
N LYS A 135 -15.73 41.02 27.81
CA LYS A 135 -14.66 40.82 28.79
C LYS A 135 -14.60 42.00 29.77
N GLN A 136 -15.17 43.13 29.39
CA GLN A 136 -15.20 44.31 30.26
C GLN A 136 -16.36 44.25 31.25
N ASP A 137 -17.30 43.35 30.99
CA ASP A 137 -18.49 43.19 31.83
C ASP A 137 -18.23 42.23 32.99
N PRO A 138 -18.18 42.76 34.22
CA PRO A 138 -17.90 41.96 35.42
C PRO A 138 -18.93 40.86 35.66
N ARG A 139 -20.20 41.14 35.40
CA ARG A 139 -21.27 40.17 35.60
C ARG A 139 -21.14 38.99 34.65
N VAL A 140 -20.75 39.26 33.41
CA VAL A 140 -20.56 38.21 32.42
C VAL A 140 -19.39 37.32 32.82
N GLN A 141 -18.26 37.95 33.14
CA GLN A 141 -17.05 37.22 33.47
C GLN A 141 -17.21 36.39 34.73
N ASP A 142 -17.93 36.93 35.71
CA ASP A 142 -18.14 36.19 36.96
C ASP A 142 -19.03 34.97 36.74
N PHE A 143 -20.02 35.10 35.85
CA PHE A 143 -20.88 33.98 35.55
C PHE A 143 -20.10 32.89 34.81
N LEU A 144 -19.20 33.31 33.93
CA LEU A 144 -18.40 32.35 33.18
C LEU A 144 -17.40 31.67 34.11
N GLN A 145 -16.93 32.39 35.13
CA GLN A 145 -16.09 31.80 36.14
C GLN A 145 -16.85 30.75 36.92
N ARG A 146 -18.08 31.09 37.30
CA ARG A 146 -18.96 30.20 38.04
C ARG A 146 -19.16 28.87 37.30
N CYS A 147 -19.39 28.94 36.00
CA CYS A 147 -19.56 27.74 35.18
C CYS A 147 -18.31 26.87 35.17
N LEU A 148 -17.14 27.52 35.07
CA LEU A 148 -15.86 26.82 35.09
C LEU A 148 -15.62 26.09 36.40
N GLU A 149 -16.23 26.57 37.47
CA GLU A 149 -16.06 25.99 38.79
C GLU A 149 -16.96 24.79 39.05
N SER A 150 -17.94 24.59 38.17
CA SER A 150 -18.91 23.52 38.33
C SER A 150 -18.61 22.33 37.42
N PRO A 151 -18.94 21.11 37.87
CA PRO A 151 -18.60 19.87 37.15
C PRO A 151 -19.15 19.79 35.72
N PHE A 152 -20.32 20.37 35.45
CA PHE A 152 -20.96 20.19 34.15
C PHE A 152 -20.10 20.69 32.99
N SER A 153 -19.26 21.69 33.25
CA SER A 153 -18.46 22.31 32.19
C SER A 153 -17.23 21.49 31.85
N ARG A 154 -16.88 20.56 32.73
CA ARG A 154 -15.63 19.80 32.63
C ARG A 154 -14.44 20.76 32.50
N LYS A 155 -14.55 21.91 33.15
CA LYS A 155 -13.52 22.95 33.19
C LYS A 155 -13.27 23.60 31.83
N LEU A 156 -14.12 23.28 30.86
CA LEU A 156 -14.06 23.93 29.55
C LEU A 156 -14.83 25.25 29.57
N ASP A 157 -14.34 26.22 28.83
CA ASP A 157 -14.98 27.53 28.78
C ASP A 157 -16.11 27.55 27.75
N LEU A 158 -16.92 28.60 27.80
CA LEU A 158 -18.04 28.73 26.89
C LEU A 158 -17.63 28.62 25.42
N TRP A 159 -16.50 29.23 25.08
CA TRP A 159 -16.04 29.23 23.68
C TRP A 159 -15.83 27.81 23.17
N SER A 160 -15.38 26.92 24.05
CA SER A 160 -15.20 25.52 23.67
C SER A 160 -16.55 24.91 23.23
N PHE A 161 -17.58 25.17 24.00
CA PHE A 161 -18.92 24.66 23.67
C PHE A 161 -19.47 25.31 22.40
N LEU A 162 -19.20 26.60 22.20
CA LEU A 162 -19.65 27.29 20.99
C LEU A 162 -18.95 26.75 19.75
N ASP A 163 -17.76 26.19 19.96
CA ASP A 163 -16.93 25.71 18.87
C ASP A 163 -17.21 24.24 18.55
N ILE A 164 -18.17 23.67 19.25
CA ILE A 164 -18.50 22.25 19.10
C ILE A 164 -18.82 21.84 17.65
N PRO A 165 -19.68 22.60 16.94
CA PRO A 165 -19.98 22.18 15.56
C PRO A 165 -18.78 22.20 14.62
N ARG A 166 -17.98 23.27 14.64
CA ARG A 166 -16.80 23.34 13.79
C ARG A 166 -15.83 22.21 14.12
N SER A 167 -15.66 21.94 15.40
CA SER A 167 -14.74 20.91 15.87
C SER A 167 -15.19 19.52 15.46
N ARG A 168 -16.50 19.28 15.50
CA ARG A 168 -17.05 17.98 15.11
C ARG A 168 -16.98 17.79 13.59
N LEU A 169 -17.34 18.84 12.86
CA LEU A 169 -17.44 18.78 11.40
C LEU A 169 -16.15 18.32 10.73
N VAL A 170 -15.01 18.81 11.22
CA VAL A 170 -13.72 18.47 10.62
C VAL A 170 -13.26 17.08 11.05
N LYS A 171 -13.97 16.47 11.99
CA LYS A 171 -13.64 15.12 12.44
C LYS A 171 -14.21 14.03 11.51
N TYR A 172 -15.33 14.33 10.85
CA TYR A 172 -16.03 13.34 10.01
C TYR A 172 -15.16 12.70 8.92
N PRO A 173 -14.34 13.49 8.20
CA PRO A 173 -13.45 12.82 7.23
C PRO A 173 -12.48 11.83 7.89
N LEU A 174 -12.00 12.16 9.09
CA LEU A 174 -11.09 11.28 9.81
C LEU A 174 -11.79 10.00 10.28
N LEU A 175 -13.03 10.15 10.73
CA LEU A 175 -13.82 9.01 11.17
C LEU A 175 -14.15 8.10 9.99
N LEU A 176 -14.53 8.72 8.88
CA LEU A 176 -14.90 7.98 7.67
C LEU A 176 -13.71 7.21 7.09
N LYS A 177 -12.55 7.86 7.05
CA LYS A 177 -11.36 7.23 6.52
C LYS A 177 -10.90 6.08 7.40
N GLU A 178 -11.15 6.18 8.70
CA GLU A 178 -10.78 5.11 9.62
C GLU A 178 -11.65 3.89 9.39
N ILE A 179 -12.94 4.12 9.15
CA ILE A 179 -13.85 3.03 8.81
C ILE A 179 -13.46 2.38 7.49
N LEU A 180 -13.11 3.20 6.51
CA LEU A 180 -12.71 2.68 5.19
C LEU A 180 -11.42 1.88 5.27
N LYS A 181 -10.55 2.27 6.20
CA LYS A 181 -9.27 1.60 6.40
C LYS A 181 -9.44 0.14 6.79
N HIS A 182 -10.49 -0.15 7.54
CA HIS A 182 -10.73 -1.51 8.00
C HIS A 182 -11.85 -2.20 7.21
N THR A 183 -12.20 -1.63 6.07
CA THR A 183 -13.23 -2.20 5.21
C THR A 183 -12.63 -3.00 4.05
N PRO A 184 -12.99 -4.29 3.95
CA PRO A 184 -12.47 -5.20 2.94
C PRO A 184 -12.71 -4.75 1.50
N LYS A 185 -11.72 -4.94 0.64
CA LYS A 185 -11.78 -4.57 -0.78
C LYS A 185 -13.10 -4.94 -1.44
N GLU A 186 -13.63 -6.11 -1.10
CA GLU A 186 -14.82 -6.64 -1.75
C GLU A 186 -16.10 -5.98 -1.28
N HIS A 187 -16.09 -5.49 -0.05
CA HIS A 187 -17.26 -4.88 0.58
C HIS A 187 -17.79 -3.70 -0.23
N PRO A 188 -19.12 -3.56 -0.33
CA PRO A 188 -19.74 -2.45 -1.06
C PRO A 188 -19.50 -1.10 -0.38
N ASP A 189 -19.12 -1.11 0.89
CA ASP A 189 -18.86 0.13 1.62
C ASP A 189 -17.59 0.82 1.14
N VAL A 190 -16.73 0.08 0.45
CA VAL A 190 -15.51 0.67 -0.09
C VAL A 190 -15.84 1.83 -1.01
N GLN A 191 -16.72 1.58 -1.97
CA GLN A 191 -17.11 2.59 -2.93
C GLN A 191 -18.00 3.66 -2.30
N LEU A 192 -18.83 3.23 -1.36
CA LEU A 192 -19.78 4.13 -0.72
C LEU A 192 -19.07 5.10 0.25
N LEU A 193 -18.12 4.59 1.03
CA LEU A 193 -17.37 5.45 1.94
C LEU A 193 -16.51 6.43 1.15
N GLU A 194 -15.99 5.99 0.00
CA GLU A 194 -15.18 6.86 -0.85
C GLU A 194 -16.02 8.04 -1.36
N ASP A 195 -17.27 7.76 -1.73
CA ASP A 195 -18.18 8.81 -2.14
C ASP A 195 -18.55 9.69 -0.95
N ALA A 196 -18.74 9.08 0.21
CA ALA A 196 -19.08 9.80 1.43
C ALA A 196 -17.96 10.74 1.85
N ILE A 197 -16.72 10.32 1.60
CA ILE A 197 -15.57 11.17 1.90
C ILE A 197 -15.57 12.38 0.98
N LEU A 198 -15.85 12.17 -0.31
CA LEU A 198 -15.95 13.28 -1.25
C LEU A 198 -17.09 14.22 -0.89
N ILE A 199 -18.19 13.64 -0.38
CA ILE A 199 -19.35 14.44 0.02
C ILE A 199 -19.03 15.36 1.19
N ILE A 200 -18.42 14.81 2.24
CA ILE A 200 -18.12 15.62 3.43
C ILE A 200 -17.01 16.63 3.11
N GLN A 201 -16.07 16.27 2.26
CA GLN A 201 -15.04 17.21 1.83
C GLN A 201 -15.67 18.36 1.07
N GLY A 202 -16.72 18.06 0.32
CA GLY A 202 -17.48 19.08 -0.38
C GLY A 202 -18.24 20.02 0.53
N VAL A 203 -18.86 19.50 1.58
CA VAL A 203 -19.64 20.36 2.47
C VAL A 203 -18.70 21.18 3.36
N LEU A 204 -17.54 20.62 3.71
CA LEU A 204 -16.57 21.33 4.54
C LEU A 204 -15.92 22.46 3.75
N SER A 205 -15.64 22.20 2.47
CA SER A 205 -15.10 23.23 1.60
C SER A 205 -16.07 24.40 1.50
N ASP A 206 -17.35 24.06 1.38
CA ASP A 206 -18.38 25.08 1.25
C ASP A 206 -18.56 25.87 2.55
N ILE A 207 -18.53 25.17 3.69
CA ILE A 207 -18.58 25.85 4.98
C ILE A 207 -17.33 26.72 5.17
N ASN A 208 -16.18 26.19 4.77
CA ASN A 208 -14.93 26.93 4.82
C ASN A 208 -15.01 28.22 4.01
N LEU A 209 -15.52 28.12 2.79
CA LEU A 209 -15.62 29.28 1.89
C LEU A 209 -16.62 30.33 2.39
N LYS A 210 -17.78 29.88 2.88
CA LYS A 210 -18.78 30.83 3.34
C LYS A 210 -18.32 31.55 4.61
N LYS A 211 -17.61 30.84 5.48
CA LYS A 211 -17.00 31.47 6.65
C LYS A 211 -16.06 32.58 6.18
N GLY A 212 -15.27 32.27 5.15
CA GLY A 212 -14.39 33.25 4.55
C GLY A 212 -15.13 34.42 3.95
N GLU A 213 -16.26 34.15 3.32
CA GLU A 213 -17.08 35.21 2.72
C GLU A 213 -17.66 36.12 3.81
N SER A 214 -18.14 35.52 4.89
CA SER A 214 -18.70 36.28 6.00
C SER A 214 -17.63 37.13 6.67
N GLU A 215 -16.43 36.58 6.84
CA GLU A 215 -15.34 37.32 7.47
C GLU A 215 -14.95 38.48 6.57
N CYS A 216 -14.93 38.20 5.28
CA CYS A 216 -14.67 39.20 4.25
C CYS A 216 -15.68 40.35 4.36
N GLN A 217 -16.97 40.02 4.34
CA GLN A 217 -18.01 41.02 4.40
C GLN A 217 -17.99 41.76 5.74
N TYR A 218 -17.65 41.02 6.80
CA TYR A 218 -17.53 41.58 8.14
C TYR A 218 -16.61 42.81 8.16
N TYR A 219 -15.42 42.67 7.58
CA TYR A 219 -14.46 43.77 7.58
C TYR A 219 -14.74 44.81 6.50
N ILE A 220 -15.30 44.37 5.37
CA ILE A 220 -15.70 45.28 4.31
C ILE A 220 -16.68 46.33 4.82
N ASP A 221 -17.65 45.89 5.63
CA ASP A 221 -18.66 46.79 6.18
C ASP A 221 -18.08 47.76 7.21
N LYS A 222 -16.88 47.47 7.69
CA LYS A 222 -16.25 48.30 8.70
C LYS A 222 -15.24 49.28 8.11
N LEU A 223 -15.09 49.24 6.79
CA LEU A 223 -14.19 50.16 6.12
C LEU A 223 -14.76 51.57 6.06
N GLU A 224 -13.90 52.55 6.32
CA GLU A 224 -14.29 53.95 6.33
C GLU A 224 -13.46 54.73 5.30
N TYR A 225 -14.14 55.48 4.44
CA TYR A 225 -13.47 56.23 3.38
C TYR A 225 -13.65 57.73 3.58
N LEU A 226 -12.54 58.42 3.79
CA LEU A 226 -12.60 59.87 3.97
C LEU A 226 -12.71 60.58 2.62
N ASP A 227 -12.06 60.02 1.61
CA ASP A 227 -12.17 60.54 0.25
C ASP A 227 -12.84 59.50 -0.65
N GLU A 228 -13.71 59.95 -1.54
CA GLU A 228 -14.42 59.05 -2.45
C GLU A 228 -13.48 58.35 -3.44
N LYS A 229 -12.39 59.02 -3.79
CA LYS A 229 -11.42 58.46 -4.71
C LYS A 229 -10.82 57.16 -4.17
N GLN A 230 -10.87 57.00 -2.85
CA GLN A 230 -10.31 55.82 -2.20
C GLN A 230 -11.22 54.60 -2.37
N ARG A 231 -12.46 54.82 -2.73
CA ARG A 231 -13.40 53.72 -2.89
C ARG A 231 -13.07 52.95 -4.17
N ASP A 232 -13.19 51.63 -4.10
CA ASP A 232 -12.91 50.77 -5.24
C ASP A 232 -13.83 49.55 -5.20
N PRO A 233 -14.67 49.40 -6.23
CA PRO A 233 -15.65 48.31 -6.40
C PRO A 233 -15.06 46.92 -6.18
N ARG A 234 -13.78 46.76 -6.44
CA ARG A 234 -13.13 45.46 -6.28
C ARG A 234 -13.07 45.04 -4.81
N ILE A 235 -13.11 46.03 -3.92
CA ILE A 235 -13.19 45.75 -2.49
C ILE A 235 -14.53 45.10 -2.15
N GLU A 236 -15.62 45.79 -2.47
CA GLU A 236 -16.96 45.29 -2.14
C GLU A 236 -17.27 43.95 -2.80
N ALA A 237 -16.64 43.69 -3.94
CA ALA A 237 -16.90 42.48 -4.70
C ALA A 237 -16.10 41.29 -4.17
N SER A 238 -15.20 41.56 -3.23
CA SER A 238 -14.32 40.53 -2.68
C SER A 238 -15.09 39.48 -1.90
N LYS A 239 -14.73 38.22 -2.09
CA LYS A 239 -15.35 37.13 -1.35
C LYS A 239 -14.30 36.37 -0.52
N VAL A 240 -13.03 36.62 -0.80
CA VAL A 240 -11.96 35.97 -0.06
C VAL A 240 -10.97 36.99 0.51
N LEU A 241 -10.79 36.89 1.82
CA LEU A 241 -9.81 37.71 2.52
C LEU A 241 -8.61 36.84 2.84
N LEU A 242 -7.55 36.97 2.04
CA LEU A 242 -6.38 36.09 2.11
C LEU A 242 -5.60 36.26 3.40
N CYS A 243 -5.43 37.51 3.83
CA CYS A 243 -4.61 37.83 4.97
C CYS A 243 -5.02 39.19 5.51
N HIS A 244 -5.14 39.29 6.83
CA HIS A 244 -5.38 40.60 7.43
C HIS A 244 -4.74 40.68 8.80
N GLY A 245 -4.39 41.89 9.20
CA GLY A 245 -3.76 42.09 10.49
C GLY A 245 -2.94 43.36 10.50
N GLU A 246 -2.28 43.61 11.62
CA GLU A 246 -1.53 44.84 11.77
C GLU A 246 -0.06 44.71 11.44
N LEU A 247 0.45 45.80 10.88
CA LEU A 247 1.84 45.96 10.54
C LEU A 247 2.24 47.39 10.87
N ARG A 248 3.51 47.60 11.16
CA ARG A 248 3.99 48.95 11.46
C ARG A 248 4.50 49.62 10.19
N SER A 249 4.10 50.86 9.98
CA SER A 249 4.59 51.64 8.85
C SER A 249 5.88 52.36 9.25
N LYS A 250 6.57 52.91 8.26
CA LYS A 250 7.83 53.62 8.50
C LYS A 250 7.64 54.79 9.46
N SER A 251 6.49 55.44 9.39
CA SER A 251 6.19 56.57 10.26
C SER A 251 6.03 56.14 11.72
N GLY A 252 5.72 54.87 11.93
CA GLY A 252 5.53 54.34 13.27
C GLY A 252 4.07 54.01 13.53
N HIS A 253 3.20 54.52 12.68
CA HIS A 253 1.78 54.23 12.76
C HIS A 253 1.51 52.74 12.61
N LYS A 254 0.64 52.21 13.46
CA LYS A 254 0.23 50.82 13.31
C LYS A 254 -0.94 50.73 12.34
N LEU A 255 -0.66 50.24 11.13
CA LEU A 255 -1.67 50.10 10.10
C LEU A 255 -2.34 48.74 10.21
N TYR A 256 -3.60 48.67 9.80
CA TYR A 256 -4.27 47.38 9.65
C TYR A 256 -4.50 47.11 8.17
N ILE A 257 -3.88 46.06 7.67
CA ILE A 257 -3.90 45.76 6.24
C ILE A 257 -4.86 44.62 5.93
N PHE A 258 -5.61 44.78 4.86
CA PHE A 258 -6.49 43.73 4.37
C PHE A 258 -6.07 43.28 2.99
N LEU A 259 -5.61 42.05 2.86
CA LEU A 259 -5.28 41.51 1.55
C LEU A 259 -6.43 40.66 1.01
N PHE A 260 -7.28 41.27 0.19
CA PHE A 260 -8.28 40.52 -0.55
C PHE A 260 -7.61 39.92 -1.78
N GLN A 261 -8.25 38.94 -2.41
CA GLN A 261 -7.65 38.27 -3.56
C GLN A 261 -7.25 39.24 -4.66
N ASP A 262 -8.09 40.25 -4.88
CA ASP A 262 -7.88 41.15 -6.01
C ASP A 262 -7.40 42.54 -5.62
N ILE A 263 -7.36 42.84 -4.32
CA ILE A 263 -7.01 44.18 -3.91
C ILE A 263 -6.49 44.25 -2.47
N LEU A 264 -5.48 45.08 -2.26
CA LEU A 264 -4.88 45.27 -0.95
C LEU A 264 -5.28 46.63 -0.40
N VAL A 265 -5.86 46.63 0.79
CA VAL A 265 -6.35 47.85 1.41
C VAL A 265 -5.63 48.14 2.72
N LEU A 266 -4.94 49.28 2.77
CA LEU A 266 -4.29 49.71 4.00
C LEU A 266 -5.23 50.60 4.78
N THR A 267 -5.27 50.43 6.10
CA THR A 267 -6.17 51.21 6.93
C THR A 267 -5.54 51.66 8.25
N ARG A 268 -6.13 52.68 8.85
CA ARG A 268 -5.82 53.06 10.22
C ARG A 268 -7.05 52.83 11.10
N PRO A 269 -6.94 51.92 12.07
CA PRO A 269 -8.05 51.59 12.97
C PRO A 269 -8.52 52.79 13.78
N VAL A 270 -9.83 52.88 13.98
CA VAL A 270 -10.43 54.02 14.65
C VAL A 270 -11.43 53.56 15.70
N THR A 271 -11.41 54.19 16.87
CA THR A 271 -12.45 53.97 17.87
C THR A 271 -13.79 54.36 17.25
N ARG A 272 -14.78 53.49 17.33
CA ARG A 272 -16.15 53.88 16.97
C ARG A 272 -17.11 53.19 17.95
N ASN A 273 -16.92 53.52 19.22
CA ASN A 273 -17.70 53.01 20.37
C ASN A 273 -17.30 51.60 20.79
N GLU A 274 -16.00 51.30 20.75
CA GLU A 274 -15.48 49.93 20.85
C GLU A 274 -16.10 49.05 19.77
N ARG A 275 -16.58 49.68 18.72
CA ARG A 275 -16.77 49.04 17.43
C ARG A 275 -15.63 49.55 16.59
N HIS A 276 -14.60 48.71 16.40
CA HIS A 276 -13.48 49.12 15.60
C HIS A 276 -13.92 49.36 14.16
N SER A 277 -13.48 50.47 13.57
CA SER A 277 -13.65 50.68 12.15
C SER A 277 -12.27 50.86 11.54
N TYR A 278 -12.18 50.75 10.21
CA TYR A 278 -10.89 50.79 9.56
C TYR A 278 -10.87 51.88 8.50
N GLN A 279 -10.25 53.00 8.89
CA GLN A 279 -10.13 54.17 8.05
C GLN A 279 -9.13 53.94 6.93
N VAL A 280 -9.63 53.85 5.71
CA VAL A 280 -8.78 53.57 4.56
C VAL A 280 -7.67 54.60 4.43
N TYR A 281 -6.44 54.11 4.27
CA TYR A 281 -5.26 54.93 4.21
C TYR A 281 -4.71 54.96 2.78
N ARG A 282 -4.62 56.15 2.19
CA ARG A 282 -4.19 56.33 0.80
C ARG A 282 -5.09 55.54 -0.15
N GLN A 283 -4.57 55.14 -1.30
CA GLN A 283 -5.38 54.36 -2.24
C GLN A 283 -5.18 52.88 -2.03
N PRO A 284 -6.29 52.12 -2.10
CA PRO A 284 -6.22 50.65 -2.16
C PRO A 284 -5.46 50.22 -3.41
N ILE A 285 -4.60 49.22 -3.26
CA ILE A 285 -3.80 48.76 -4.39
C ILE A 285 -4.34 47.48 -4.96
N PRO A 286 -4.87 47.54 -6.20
CA PRO A 286 -5.28 46.34 -6.90
C PRO A 286 -4.10 45.39 -7.05
N VAL A 287 -4.33 44.10 -6.80
CA VAL A 287 -3.26 43.10 -6.90
C VAL A 287 -2.69 43.11 -8.32
N GLN A 288 -3.54 43.49 -9.27
CA GLN A 288 -3.14 43.69 -10.66
C GLN A 288 -1.99 44.69 -10.81
N GLU A 289 -1.97 45.71 -9.94
CA GLU A 289 -0.95 46.75 -10.04
C GLU A 289 0.03 46.70 -8.86
N LEU A 290 -0.03 45.62 -8.10
CA LEU A 290 0.73 45.51 -6.86
C LEU A 290 2.14 44.99 -7.09
N VAL A 291 3.12 45.70 -6.54
CA VAL A 291 4.51 45.26 -6.56
C VAL A 291 4.98 45.01 -5.13
N LEU A 292 5.57 43.83 -4.90
CA LEU A 292 6.11 43.46 -3.60
C LEU A 292 7.64 43.44 -3.63
N GLU A 293 8.26 44.14 -2.70
CA GLU A 293 9.73 44.21 -2.64
C GLU A 293 10.25 43.74 -1.29
N ASP A 294 11.15 42.77 -1.31
CA ASP A 294 11.80 42.30 -0.09
C ASP A 294 12.92 43.27 0.30
N LEU A 295 12.87 43.73 1.54
CA LEU A 295 13.92 44.62 2.04
C LEU A 295 14.78 43.89 3.06
N GLN A 296 16.03 44.31 3.20
CA GLN A 296 16.93 43.69 4.16
C GLN A 296 16.85 44.43 5.49
N ASP A 297 17.15 43.70 6.57
CA ASP A 297 17.18 44.29 7.91
C ASP A 297 18.10 45.51 7.91
N GLY A 298 17.62 46.62 8.42
CA GLY A 298 18.41 47.84 8.51
C GLY A 298 18.36 48.78 7.32
N ASP A 299 17.68 48.38 6.24
CA ASP A 299 17.55 49.24 5.07
C ASP A 299 16.86 50.56 5.40
N VAL A 300 15.94 50.52 6.36
CA VAL A 300 15.07 51.66 6.64
C VAL A 300 14.92 51.93 8.13
N ARG A 301 14.91 53.21 8.50
CA ARG A 301 14.63 53.63 9.86
C ARG A 301 13.12 53.72 10.11
N MET A 302 12.63 52.95 11.08
CA MET A 302 11.20 52.95 11.39
C MET A 302 10.91 53.77 12.65
N ALA A 316 14.39 48.04 12.72
CA ALA A 316 14.67 48.05 11.29
C ALA A 316 14.74 46.63 10.73
N LYS A 317 14.16 45.67 11.44
CA LYS A 317 14.20 44.28 11.01
C LYS A 317 12.85 43.80 10.49
N ASN A 318 12.88 42.79 9.62
CA ASN A 318 11.68 42.12 9.14
C ASN A 318 10.76 43.07 8.39
N ILE A 319 11.33 43.76 7.42
CA ILE A 319 10.60 44.76 6.65
C ILE A 319 10.46 44.35 5.19
N PHE A 320 9.41 44.86 4.56
CA PHE A 320 9.23 44.70 3.12
C PHE A 320 8.49 45.92 2.60
N ARG A 321 8.42 46.06 1.29
CA ARG A 321 7.76 47.21 0.69
C ARG A 321 6.69 46.77 -0.30
N ILE A 322 5.56 47.47 -0.29
CA ILE A 322 4.56 47.31 -1.32
C ILE A 322 4.36 48.63 -2.04
N ARG A 323 4.06 48.58 -3.32
CA ARG A 323 3.85 49.80 -4.08
C ARG A 323 2.98 49.51 -5.29
N PHE A 324 2.42 50.55 -5.89
CA PHE A 324 1.79 50.40 -7.18
C PHE A 324 2.83 50.03 -8.20
N HIS A 325 2.42 49.37 -9.29
CA HIS A 325 3.29 49.38 -10.45
C HIS A 325 3.43 50.88 -10.61
N ASP A 326 4.54 51.50 -10.26
CA ASP A 326 4.49 52.95 -10.08
C ASP A 326 4.47 53.83 -11.35
N PRO A 327 4.17 53.23 -12.53
CA PRO A 327 3.52 54.01 -13.58
C PRO A 327 2.30 54.77 -13.12
N SER A 328 1.38 54.09 -12.41
CA SER A 328 0.31 54.79 -11.72
C SER A 328 0.91 55.87 -10.82
N PRO A 329 0.12 56.87 -10.40
CA PRO A 329 0.67 57.83 -9.44
C PRO A 329 1.25 57.11 -8.24
N ALA A 330 2.48 57.46 -7.90
CA ALA A 330 3.28 56.65 -6.98
C ALA A 330 2.89 56.78 -5.50
N GLN A 331 2.45 55.63 -4.97
CA GLN A 331 2.34 55.36 -3.54
C GLN A 331 3.01 54.01 -3.18
N SER A 332 3.85 54.05 -2.15
CA SER A 332 4.60 52.90 -1.64
C SER A 332 4.59 52.93 -0.12
N HIS A 333 4.68 51.75 0.48
CA HIS A 333 4.63 51.60 1.92
C HIS A 333 5.69 50.62 2.36
N THR A 334 6.55 51.05 3.28
CA THR A 334 7.47 50.14 3.92
C THR A 334 6.81 49.63 5.19
N LEU A 335 6.69 48.31 5.28
CA LEU A 335 5.95 47.70 6.39
C LEU A 335 6.84 46.78 7.20
N GLN A 336 6.60 46.75 8.51
CA GLN A 336 7.39 45.91 9.41
C GLN A 336 6.51 44.89 10.12
N ALA A 337 6.86 43.62 10.00
CA ALA A 337 6.18 42.55 10.73
C ALA A 337 6.81 42.36 12.11
N ASN A 338 6.23 41.48 12.90
CA ASN A 338 6.64 41.27 14.29
C ASN A 338 7.94 40.50 14.44
N ASP A 339 8.26 39.65 13.45
CA ASP A 339 9.43 38.78 13.48
C ASP A 339 9.64 38.19 12.09
N VAL A 340 10.70 37.40 11.91
CA VAL A 340 11.07 36.92 10.58
C VAL A 340 10.01 35.98 9.98
N PHE A 341 9.41 35.15 10.81
CA PHE A 341 8.40 34.22 10.30
C PHE A 341 7.04 34.90 10.14
N HIS A 342 6.78 35.92 10.92
CA HIS A 342 5.57 36.72 10.70
C HIS A 342 5.65 37.44 9.36
N LYS A 343 6.84 37.96 9.05
CA LYS A 343 7.08 38.60 7.77
C LYS A 343 6.78 37.61 6.64
N GLN A 344 7.17 36.36 6.86
CA GLN A 344 6.99 35.32 5.87
C GLN A 344 5.50 35.06 5.57
N GLN A 345 4.67 35.10 6.60
CA GLN A 345 3.23 34.90 6.39
C GLN A 345 2.70 35.96 5.44
N TRP A 346 3.04 37.22 5.73
CA TRP A 346 2.62 38.33 4.88
C TRP A 346 3.25 38.29 3.49
N PHE A 347 4.57 38.10 3.46
CA PHE A 347 5.29 38.10 2.20
C PHE A 347 4.77 37.00 1.27
N ASN A 348 4.62 35.80 1.80
CA ASN A 348 4.12 34.67 1.01
C ASN A 348 2.69 34.88 0.52
N CYS A 349 1.83 35.40 1.39
CA CYS A 349 0.44 35.66 1.00
C CYS A 349 0.38 36.66 -0.14
N ILE A 350 1.09 37.77 0.01
CA ILE A 350 1.10 38.82 -1.01
C ILE A 350 1.71 38.31 -2.31
N ARG A 351 2.84 37.60 -2.20
CA ARG A 351 3.52 37.07 -3.39
C ARG A 351 2.64 36.07 -4.14
N ALA A 352 1.94 35.21 -3.39
CA ALA A 352 1.04 34.23 -3.99
C ALA A 352 -0.17 34.92 -4.65
N ALA A 353 -0.67 35.97 -4.01
CA ALA A 353 -1.79 36.73 -4.57
C ALA A 353 -1.41 37.35 -5.91
N ILE A 354 -0.23 37.98 -5.95
CA ILE A 354 0.27 38.59 -7.18
C ILE A 354 0.47 37.54 -8.28
N ALA A 355 1.07 36.42 -7.91
CA ALA A 355 1.29 35.32 -8.84
C ALA A 355 -0.03 34.73 -9.32
N HIS A 356 -1.00 34.64 -8.42
CA HIS A 356 -2.33 34.13 -8.76
C HIS A 356 -2.97 34.97 -9.85
N HIS A 357 -2.84 36.29 -9.73
CA HIS A 357 -3.40 37.20 -10.71
C HIS A 357 -2.79 36.97 -12.09
N HIS A 358 -1.47 37.12 -12.18
CA HIS A 358 -0.76 36.96 -13.45
C HIS A 358 -0.90 35.56 -14.04
N HIS A 359 -1.36 34.60 -13.23
CA HIS A 359 -1.64 33.26 -13.72
C HIS A 359 -2.96 33.26 -14.49
N HIS A 360 -3.85 34.14 -14.07
CA HIS A 360 -5.16 34.28 -14.71
C HIS A 360 -5.33 35.61 -15.43
N HIS A 361 -4.37 36.52 -15.21
CA HIS A 361 -4.43 37.88 -15.73
C HIS A 361 -5.71 38.59 -15.28
N ALA B 3 -8.35 29.28 40.67
CA ALA B 3 -7.78 28.34 39.71
C ALA B 3 -6.94 29.06 38.67
N ILE B 4 -5.88 28.41 38.19
CA ILE B 4 -5.10 28.93 37.08
C ILE B 4 -5.48 28.18 35.82
N ARG B 5 -5.96 28.91 34.82
CA ARG B 5 -6.47 28.29 33.61
C ARG B 5 -5.68 28.75 32.38
N LYS B 6 -5.17 27.80 31.63
CA LYS B 6 -4.37 28.08 30.43
C LYS B 6 -4.86 27.26 29.25
N LYS B 7 -4.82 27.86 28.06
CA LYS B 7 -5.25 27.18 26.84
C LYS B 7 -4.06 26.75 25.99
N LEU B 8 -4.04 25.46 25.64
CA LEU B 8 -3.01 24.94 24.74
C LEU B 8 -3.64 24.56 23.41
N VAL B 9 -2.97 24.94 22.33
CA VAL B 9 -3.37 24.52 20.99
C VAL B 9 -2.21 23.77 20.36
N ILE B 10 -2.47 22.57 19.87
CA ILE B 10 -1.42 21.80 19.23
C ILE B 10 -1.48 22.04 17.71
N VAL B 11 -0.30 22.29 17.14
CA VAL B 11 -0.19 22.69 15.75
C VAL B 11 0.85 21.83 15.04
N GLY B 12 0.56 21.40 13.82
CA GLY B 12 1.51 20.63 13.04
C GLY B 12 0.84 19.80 11.96
N ASP B 13 1.66 19.10 11.19
CA ASP B 13 1.16 18.27 10.10
C ASP B 13 0.21 17.18 10.59
N GLY B 14 -0.78 16.84 9.76
CA GLY B 14 -1.80 15.87 10.13
C GLY B 14 -1.25 14.50 10.47
N ALA B 15 -0.11 14.14 9.88
CA ALA B 15 0.43 12.79 10.05
C ALA B 15 1.40 12.67 11.22
N CYS B 16 1.60 13.75 11.96
CA CYS B 16 2.67 13.77 12.98
C CYS B 16 2.20 13.22 14.33
N GLY B 17 0.94 12.83 14.42
CA GLY B 17 0.43 12.19 15.63
C GLY B 17 -0.01 13.15 16.71
N LYS B 18 -0.56 14.28 16.30
CA LYS B 18 -1.03 15.30 17.24
C LYS B 18 -2.08 14.76 18.21
N THR B 19 -3.06 14.05 17.65
CA THR B 19 -4.19 13.54 18.43
C THR B 19 -3.74 12.50 19.46
N CYS B 20 -2.85 11.61 19.04
CA CYS B 20 -2.32 10.57 19.92
C CYS B 20 -1.65 11.16 21.16
N LEU B 21 -0.94 12.26 20.95
CA LEU B 21 -0.25 12.95 22.04
C LEU B 21 -1.22 13.51 23.08
N LEU B 22 -2.32 14.09 22.62
CA LEU B 22 -3.31 14.65 23.54
C LEU B 22 -4.05 13.53 24.27
N ILE B 23 -4.32 12.45 23.55
CA ILE B 23 -4.99 11.29 24.11
C ILE B 23 -4.20 10.69 25.26
N VAL B 24 -2.90 10.52 25.04
CA VAL B 24 -2.05 9.89 26.04
C VAL B 24 -1.73 10.83 27.20
N ASN B 25 -2.19 12.08 27.17
CA ASN B 25 -2.12 12.82 28.41
C ASN B 25 -3.44 12.85 29.16
N SER B 26 -4.47 12.16 28.68
CA SER B 26 -5.77 12.36 29.29
C SER B 26 -6.04 11.33 30.36
N PRO B 31 -6.09 3.40 28.53
CA PRO B 31 -6.58 2.75 27.32
C PRO B 31 -5.54 1.80 26.73
N GLU B 32 -5.63 0.55 27.16
CA GLU B 32 -4.98 -0.55 26.47
C GLU B 32 -6.16 -1.22 25.78
N VAL B 33 -7.33 -0.64 26.04
CA VAL B 33 -8.63 -1.22 25.68
C VAL B 33 -9.17 -0.64 24.36
N TYR B 34 -8.73 0.57 23.99
CA TYR B 34 -8.83 1.07 22.61
C TYR B 34 -8.14 2.43 22.44
N VAL B 35 -7.70 2.72 21.22
CA VAL B 35 -7.10 4.00 20.85
C VAL B 35 -8.01 4.78 19.90
N PRO B 36 -8.68 5.82 20.43
CA PRO B 36 -9.60 6.67 19.66
C PRO B 36 -8.92 7.41 18.50
N THR B 37 -9.63 7.52 17.38
CA THR B 37 -9.13 8.21 16.19
C THR B 37 -9.22 9.73 16.38
N VAL B 38 -10.31 10.17 16.99
CA VAL B 38 -10.55 11.58 17.20
C VAL B 38 -10.63 11.91 18.69
N PHE B 39 -10.37 13.17 19.02
CA PHE B 39 -10.28 13.60 20.41
C PHE B 39 -10.81 15.03 20.55
N GLU B 40 -11.77 15.22 21.45
CA GLU B 40 -12.34 16.55 21.67
C GLU B 40 -11.65 17.28 22.82
N ASN B 41 -11.96 18.56 22.95
CA ASN B 41 -11.35 19.42 23.96
C ASN B 41 -11.42 18.83 25.37
N TYR B 42 -10.28 18.87 26.05
CA TYR B 42 -10.15 18.24 27.35
C TYR B 42 -9.22 19.05 28.21
N VAL B 43 -9.52 19.14 29.51
CA VAL B 43 -8.68 19.89 30.41
C VAL B 43 -7.88 18.93 31.27
N ALA B 44 -6.56 19.08 31.23
CA ALA B 44 -5.68 18.27 32.04
C ALA B 44 -5.22 19.08 33.25
N ASP B 45 -5.10 18.42 34.39
CA ASP B 45 -4.62 19.09 35.59
C ASP B 45 -3.12 18.84 35.74
N ILE B 46 -2.35 19.92 35.66
CA ILE B 46 -0.90 19.81 35.62
C ILE B 46 -0.27 20.68 36.71
N GLU B 47 0.69 20.10 37.42
CA GLU B 47 1.38 20.82 38.49
C GLU B 47 2.83 21.10 38.12
N VAL B 48 3.21 22.37 38.12
CA VAL B 48 4.58 22.76 37.91
C VAL B 48 4.99 23.83 38.92
N ASP B 49 6.14 23.62 39.56
CA ASP B 49 6.71 24.55 40.52
C ASP B 49 5.73 24.97 41.62
N GLY B 50 4.99 23.99 42.14
CA GLY B 50 4.03 24.25 43.20
C GLY B 50 2.77 24.96 42.74
N LYS B 51 2.59 25.07 41.43
CA LYS B 51 1.41 25.73 40.88
C LYS B 51 0.48 24.74 40.19
N GLN B 52 -0.79 24.76 40.57
CA GLN B 52 -1.78 23.90 39.93
C GLN B 52 -2.48 24.63 38.78
N VAL B 53 -2.36 24.06 37.58
CA VAL B 53 -2.89 24.69 36.39
C VAL B 53 -3.88 23.77 35.70
N GLU B 54 -5.01 24.34 35.29
CA GLU B 54 -5.96 23.63 34.43
C GLU B 54 -5.58 23.91 32.98
N LEU B 55 -5.03 22.91 32.31
CA LEU B 55 -4.55 23.08 30.95
C LEU B 55 -5.57 22.55 29.93
N ALA B 56 -6.25 23.45 29.25
CA ALA B 56 -7.22 23.07 28.23
C ALA B 56 -6.50 22.68 26.95
N LEU B 57 -6.76 21.48 26.45
CA LEU B 57 -6.08 20.96 25.27
C LEU B 57 -6.96 21.01 24.03
N TRP B 58 -6.55 21.82 23.06
CA TRP B 58 -7.29 21.98 21.81
C TRP B 58 -6.56 21.29 20.67
N ASP B 59 -7.20 20.27 20.09
CA ASP B 59 -6.64 19.60 18.92
C ASP B 59 -6.99 20.37 17.65
N THR B 60 -6.14 20.25 16.64
CA THR B 60 -6.40 20.92 15.36
C THR B 60 -6.45 19.91 14.23
N ALA B 61 -6.49 18.64 14.57
CA ALA B 61 -6.57 17.57 13.58
C ALA B 61 -7.80 17.75 12.69
N GLY B 62 -7.61 17.64 11.39
CA GLY B 62 -8.69 17.78 10.44
C GLY B 62 -8.86 19.20 9.92
N GLN B 63 -8.17 20.15 10.53
CA GLN B 63 -8.30 21.56 10.15
C GLN B 63 -7.22 21.99 9.15
N GLU B 64 -6.30 21.08 8.85
CA GLU B 64 -5.16 21.38 7.98
C GLU B 64 -5.57 21.89 6.60
N ASP B 65 -6.66 21.36 6.04
CA ASP B 65 -7.05 21.70 4.68
C ASP B 65 -8.10 22.82 4.59
N TYR B 66 -8.46 23.41 5.72
CA TYR B 66 -9.48 24.46 5.70
C TYR B 66 -8.95 25.73 6.35
N ASP B 67 -8.29 26.54 5.53
CA ASP B 67 -7.53 27.70 5.98
C ASP B 67 -8.38 28.81 6.58
N ARG B 68 -9.68 28.79 6.30
CA ARG B 68 -10.57 29.83 6.80
C ARG B 68 -11.16 29.41 8.14
N LEU B 69 -11.41 28.10 8.29
CA LEU B 69 -11.97 27.58 9.53
C LEU B 69 -10.92 27.44 10.64
N ARG B 70 -9.71 27.04 10.24
CA ARG B 70 -8.64 26.73 11.20
C ARG B 70 -8.29 27.84 12.20
N PRO B 71 -8.19 29.11 11.76
CA PRO B 71 -7.75 30.13 12.73
C PRO B 71 -8.71 30.38 13.90
N LEU B 72 -9.92 29.83 13.84
CA LEU B 72 -10.86 29.97 14.96
C LEU B 72 -10.37 29.26 16.23
N SER B 73 -9.40 28.37 16.07
CA SER B 73 -8.83 27.65 17.21
C SER B 73 -7.83 28.52 17.99
N TYR B 74 -7.33 29.57 17.34
CA TYR B 74 -6.21 30.35 17.87
C TYR B 74 -6.49 31.43 18.92
N PRO B 75 -7.68 32.08 18.92
CA PRO B 75 -7.86 33.13 19.93
C PRO B 75 -7.70 32.66 21.38
N ASP B 76 -7.14 33.54 22.21
CA ASP B 76 -6.97 33.31 23.66
C ASP B 76 -6.04 32.15 23.98
N THR B 77 -5.14 31.82 23.06
CA THR B 77 -4.18 30.74 23.31
C THR B 77 -3.05 31.22 24.23
N ASP B 78 -2.69 30.40 25.21
CA ASP B 78 -1.64 30.74 26.15
C ASP B 78 -0.32 30.05 25.82
N VAL B 79 -0.42 28.93 25.12
CA VAL B 79 0.79 28.23 24.65
C VAL B 79 0.46 27.41 23.40
N ILE B 80 1.36 27.47 22.42
CA ILE B 80 1.25 26.68 21.21
C ILE B 80 2.16 25.47 21.31
N LEU B 81 1.59 24.28 21.16
CA LEU B 81 2.41 23.07 21.07
C LEU B 81 2.68 22.78 19.60
N MET B 82 3.88 23.15 19.14
CA MET B 82 4.25 22.91 17.75
C MET B 82 4.84 21.52 17.58
N CYS B 83 4.19 20.71 16.76
CA CYS B 83 4.50 19.28 16.72
C CYS B 83 5.01 18.82 15.36
N PHE B 84 6.01 17.95 15.39
CA PHE B 84 6.44 17.22 14.20
C PHE B 84 6.78 15.81 14.63
N SER B 85 6.93 14.91 13.66
CA SER B 85 7.30 13.54 13.97
C SER B 85 8.74 13.28 13.54
N ILE B 86 9.49 12.65 14.43
CA ILE B 86 10.91 12.39 14.21
C ILE B 86 11.11 11.42 13.04
N ASP B 87 10.09 10.62 12.74
CA ASP B 87 10.16 9.72 11.60
C ASP B 87 9.81 10.43 10.29
N SER B 88 9.60 11.74 10.36
CA SER B 88 9.23 12.50 9.16
C SER B 88 9.91 13.86 9.09
N PRO B 89 11.09 13.92 8.45
CA PRO B 89 11.81 15.17 8.19
C PRO B 89 10.95 16.19 7.47
N ASP B 90 10.04 15.73 6.62
CA ASP B 90 9.11 16.61 5.93
C ASP B 90 8.23 17.37 6.92
N SER B 91 7.77 16.68 7.96
CA SER B 91 6.90 17.31 8.96
C SER B 91 7.67 18.39 9.70
N LEU B 92 8.97 18.20 9.88
CA LEU B 92 9.81 19.21 10.53
C LEU B 92 9.99 20.43 9.65
N GLU B 93 10.17 20.21 8.35
CA GLU B 93 10.37 21.32 7.42
C GLU B 93 9.12 22.18 7.29
N ASN B 94 7.96 21.58 7.49
CA ASN B 94 6.71 22.32 7.43
C ASN B 94 6.54 23.28 8.60
N ILE B 95 7.35 23.10 9.64
CA ILE B 95 7.28 23.99 10.79
C ILE B 95 7.76 25.41 10.47
N PRO B 96 8.98 25.58 9.91
CA PRO B 96 9.30 26.96 9.53
C PRO B 96 8.58 27.40 8.25
N GLU B 97 8.23 26.45 7.39
CA GLU B 97 7.65 26.79 6.09
C GLU B 97 6.19 27.24 6.19
N LYS B 98 5.41 26.54 7.02
CA LYS B 98 3.97 26.78 7.06
C LYS B 98 3.45 27.18 8.43
N TRP B 99 3.76 26.39 9.45
CA TRP B 99 3.08 26.53 10.72
C TRP B 99 3.59 27.68 11.58
N THR B 100 4.89 27.92 11.58
CA THR B 100 5.42 29.02 12.36
C THR B 100 4.97 30.40 11.84
N PRO B 101 5.00 30.63 10.51
CA PRO B 101 4.45 31.91 10.06
C PRO B 101 2.97 32.10 10.45
N GLU B 102 2.17 31.04 10.32
CA GLU B 102 0.76 31.10 10.68
C GLU B 102 0.58 31.41 12.17
N VAL B 103 1.31 30.70 13.03
CA VAL B 103 1.20 30.90 14.48
C VAL B 103 1.69 32.28 14.90
N LYS B 104 2.79 32.75 14.31
CA LYS B 104 3.30 34.09 14.60
C LYS B 104 2.27 35.15 14.21
N HIS B 105 1.49 34.87 13.17
CA HIS B 105 0.50 35.82 12.68
C HIS B 105 -0.75 35.86 13.57
N PHE B 106 -1.31 34.69 13.84
CA PHE B 106 -2.56 34.60 14.58
C PHE B 106 -2.35 34.59 16.10
N CYS B 107 -1.16 34.19 16.53
CA CYS B 107 -0.87 34.16 17.97
C CYS B 107 0.39 34.96 18.32
N PRO B 108 0.37 36.28 18.07
CA PRO B 108 1.59 37.03 18.38
C PRO B 108 1.87 37.04 19.89
N ASN B 109 3.15 36.91 20.24
CA ASN B 109 3.63 36.92 21.62
C ASN B 109 3.13 35.75 22.45
N VAL B 110 2.52 34.76 21.82
CA VAL B 110 2.13 33.54 22.52
C VAL B 110 3.31 32.56 22.55
N PRO B 111 3.68 32.08 23.74
CA PRO B 111 4.79 31.13 23.89
C PRO B 111 4.59 29.86 23.06
N ILE B 112 5.69 29.35 22.52
CA ILE B 112 5.68 28.15 21.70
C ILE B 112 6.62 27.10 22.28
N ILE B 113 6.18 25.85 22.35
CA ILE B 113 7.14 24.79 22.59
C ILE B 113 7.19 23.88 21.37
N LEU B 114 8.39 23.40 21.07
CA LEU B 114 8.59 22.52 19.94
C LEU B 114 8.70 21.08 20.42
N VAL B 115 7.94 20.19 19.81
CA VAL B 115 7.90 18.81 20.27
C VAL B 115 8.12 17.84 19.11
N GLY B 116 9.11 16.98 19.26
CA GLY B 116 9.34 15.90 18.32
C GLY B 116 8.70 14.62 18.81
N ASN B 117 7.65 14.20 18.13
CA ASN B 117 6.91 13.00 18.52
C ASN B 117 7.47 11.75 17.85
N LYS B 118 6.96 10.59 18.24
CA LYS B 118 7.39 9.30 17.69
C LYS B 118 8.90 9.10 17.78
N LYS B 119 9.47 9.43 18.93
CA LYS B 119 10.91 9.30 19.13
C LYS B 119 11.34 7.84 19.15
N ASP B 120 10.38 6.95 19.42
CA ASP B 120 10.65 5.51 19.44
C ASP B 120 10.96 4.98 18.04
N LEU B 121 10.58 5.75 17.02
CA LEU B 121 10.78 5.33 15.64
C LEU B 121 12.16 5.74 15.11
N ARG B 122 12.91 6.49 15.90
CA ARG B 122 14.21 6.99 15.48
C ARG B 122 15.17 5.83 15.17
N ASN B 123 15.19 4.84 16.04
CA ASN B 123 16.04 3.67 15.84
C ASN B 123 15.25 2.47 15.35
N ASP B 124 14.12 2.74 14.70
CA ASP B 124 13.33 1.67 14.08
C ASP B 124 13.90 1.36 12.71
N GLU B 125 14.33 0.11 12.53
CA GLU B 125 14.98 -0.31 11.30
C GLU B 125 14.09 -0.16 10.08
N HIS B 126 12.82 -0.52 10.23
CA HIS B 126 11.86 -0.37 9.15
C HIS B 126 11.72 1.10 8.75
N THR B 127 11.59 1.96 9.76
CA THR B 127 11.48 3.40 9.53
C THR B 127 12.69 3.92 8.75
N ARG B 128 13.89 3.53 9.19
CA ARG B 128 15.11 4.05 8.60
C ARG B 128 15.30 3.65 7.14
N ARG B 129 14.80 2.47 6.77
CA ARG B 129 14.94 2.01 5.40
C ARG B 129 13.91 2.65 4.48
N GLU B 130 12.72 2.92 5.01
CA GLU B 130 11.70 3.62 4.25
C GLU B 130 12.15 5.04 3.93
N LEU B 131 12.73 5.71 4.93
CA LEU B 131 13.24 7.06 4.75
C LEU B 131 14.46 7.07 3.82
N ALA B 132 15.29 6.04 3.94
CA ALA B 132 16.51 5.92 3.13
C ALA B 132 16.18 5.89 1.64
N LYS B 133 15.05 5.27 1.30
CA LYS B 133 14.60 5.22 -0.09
C LYS B 133 14.32 6.63 -0.62
N MET B 134 13.86 7.50 0.27
CA MET B 134 13.58 8.89 -0.10
C MET B 134 14.75 9.79 0.24
N LYS B 135 15.93 9.19 0.39
CA LYS B 135 17.17 9.92 0.65
C LYS B 135 17.11 10.66 1.99
N GLN B 136 16.35 10.12 2.93
CA GLN B 136 16.15 10.80 4.21
C GLN B 136 16.53 9.91 5.40
N GLU B 137 16.58 10.53 6.57
CA GLU B 137 16.87 9.83 7.82
C GLU B 137 16.02 10.46 8.92
N PRO B 138 15.77 9.71 10.02
CA PRO B 138 15.01 10.30 11.12
C PRO B 138 15.63 11.59 11.66
N VAL B 139 14.80 12.46 12.23
CA VAL B 139 15.28 13.75 12.72
C VAL B 139 16.18 13.56 13.93
N LYS B 140 17.32 14.25 13.93
CA LYS B 140 18.25 14.19 15.05
C LYS B 140 17.84 15.20 16.11
N PRO B 141 18.12 14.90 17.39
CA PRO B 141 17.74 15.79 18.50
C PRO B 141 18.29 17.20 18.35
N GLU B 142 19.49 17.33 17.77
CA GLU B 142 20.12 18.63 17.57
C GLU B 142 19.32 19.49 16.60
N GLU B 143 18.67 18.84 15.64
CA GLU B 143 17.86 19.56 14.65
C GLU B 143 16.65 20.19 15.31
N GLY B 144 16.08 19.50 16.28
CA GLY B 144 14.94 20.01 17.03
C GLY B 144 15.35 21.18 17.91
N ARG B 145 16.49 21.06 18.58
CA ARG B 145 16.99 22.13 19.42
C ARG B 145 17.32 23.36 18.59
N ASP B 146 17.91 23.15 17.43
CA ASP B 146 18.23 24.25 16.51
C ASP B 146 16.96 24.92 16.00
N MET B 147 15.98 24.12 15.58
CA MET B 147 14.72 24.69 15.08
C MET B 147 13.98 25.44 16.18
N ALA B 148 14.03 24.92 17.41
CA ALA B 148 13.39 25.59 18.54
C ALA B 148 13.99 26.99 18.73
N ASN B 149 15.29 27.09 18.54
CA ASN B 149 15.96 28.39 18.60
C ASN B 149 15.51 29.32 17.48
N ARG B 150 15.44 28.77 16.26
CA ARG B 150 15.07 29.56 15.09
C ARG B 150 13.67 30.17 15.20
N ILE B 151 12.72 29.41 15.72
CA ILE B 151 11.33 29.86 15.77
C ILE B 151 10.98 30.56 17.08
N GLY B 152 11.97 30.70 17.95
CA GLY B 152 11.78 31.39 19.22
C GLY B 152 10.96 30.60 20.22
N ALA B 153 11.08 29.28 20.15
CA ALA B 153 10.36 28.39 21.06
C ALA B 153 10.91 28.47 22.48
N PHE B 154 10.04 28.28 23.45
CA PHE B 154 10.45 28.24 24.86
C PHE B 154 11.44 27.10 25.09
N GLY B 155 11.23 26.00 24.39
CA GLY B 155 12.13 24.87 24.47
C GLY B 155 11.74 23.74 23.54
N TYR B 156 12.64 22.77 23.43
CA TYR B 156 12.41 21.57 22.64
C TYR B 156 12.53 20.32 23.51
N MET B 157 11.57 19.41 23.39
CA MET B 157 11.82 18.05 23.89
C MET B 157 11.05 17.03 23.08
N GLU B 158 11.39 15.77 23.28
CA GLU B 158 10.87 14.70 22.46
C GLU B 158 10.03 13.75 23.29
N CYS B 159 9.15 13.02 22.62
CA CYS B 159 8.27 12.08 23.31
C CYS B 159 7.80 10.99 22.38
N SER B 160 7.21 9.96 22.96
CA SER B 160 6.61 8.88 22.20
C SER B 160 5.22 8.62 22.76
N ALA B 161 4.19 8.93 21.99
CA ALA B 161 2.83 8.66 22.42
C ALA B 161 2.60 7.16 22.58
N LYS B 162 3.45 6.37 21.93
CA LYS B 162 3.37 4.91 21.98
C LYS B 162 3.85 4.34 23.31
N THR B 163 5.04 4.74 23.73
CA THR B 163 5.60 4.28 24.99
C THR B 163 5.31 5.26 26.12
N LYS B 164 4.70 6.39 25.77
CA LYS B 164 4.28 7.42 26.73
C LYS B 164 5.48 8.11 27.36
N ASP B 165 6.68 7.76 26.90
CA ASP B 165 7.92 8.39 27.39
C ASP B 165 8.00 9.85 26.95
N GLY B 166 8.23 10.74 27.91
CA GLY B 166 8.39 12.15 27.61
C GLY B 166 7.11 12.96 27.58
N VAL B 167 5.97 12.26 27.45
CA VAL B 167 4.68 12.93 27.29
C VAL B 167 4.33 13.85 28.46
N ARG B 168 4.44 13.32 29.68
CA ARG B 168 4.15 14.09 30.88
C ARG B 168 5.02 15.35 30.93
N GLU B 169 6.30 15.18 30.62
CA GLU B 169 7.26 16.27 30.67
C GLU B 169 6.98 17.32 29.59
N VAL B 170 6.46 16.89 28.45
CA VAL B 170 6.10 17.81 27.38
C VAL B 170 5.03 18.79 27.83
N PHE B 171 3.96 18.27 28.42
CA PHE B 171 2.87 19.13 28.83
C PHE B 171 3.20 19.92 30.10
N GLU B 172 4.17 19.45 30.87
CA GLU B 172 4.69 20.24 31.98
C GLU B 172 5.52 21.41 31.48
N MET B 173 6.30 21.19 30.42
CA MET B 173 7.05 22.28 29.80
C MET B 173 6.12 23.30 29.17
N ALA B 174 5.05 22.81 28.54
CA ALA B 174 4.05 23.69 27.92
C ALA B 174 3.39 24.56 28.98
N THR B 175 3.11 23.96 30.15
CA THR B 175 2.49 24.68 31.24
C THR B 175 3.43 25.77 31.76
N ARG B 176 4.71 25.45 31.91
CA ARG B 176 5.70 26.44 32.32
C ARG B 176 5.77 27.60 31.33
N ALA B 177 5.77 27.26 30.04
CA ALA B 177 5.81 28.28 28.99
C ALA B 177 4.56 29.14 29.06
N ALA B 178 3.43 28.51 29.33
CA ALA B 178 2.16 29.24 29.43
C ALA B 178 2.16 30.19 30.62
N LEU B 179 2.80 29.79 31.72
CA LEU B 179 2.81 30.59 32.94
C LEU B 179 3.79 31.76 32.87
N GLN B 180 4.56 31.80 31.79
CA GLN B 180 5.60 32.81 31.60
C GLN B 180 5.06 34.23 31.72
N SER C 11 24.72 -2.00 -16.83
CA SER C 11 23.35 -1.60 -16.52
C SER C 11 23.02 -0.29 -17.20
N GLU C 12 21.73 0.08 -17.17
CA GLU C 12 21.29 1.32 -17.81
C GLU C 12 21.84 2.55 -17.08
N MET C 13 22.14 2.43 -15.78
CA MET C 13 22.78 3.53 -15.06
C MET C 13 24.20 3.77 -15.55
N LEU C 14 24.90 2.69 -15.86
CA LEU C 14 26.31 2.76 -16.19
C LEU C 14 26.56 3.36 -17.57
N ASP C 15 25.48 3.63 -18.30
CA ASP C 15 25.59 4.13 -19.66
C ASP C 15 25.20 5.60 -19.77
N ILE C 16 24.59 6.14 -18.72
CA ILE C 16 24.14 7.53 -18.77
C ILE C 16 25.04 8.48 -18.02
N THR C 17 25.01 9.72 -18.49
CA THR C 17 25.82 10.83 -18.02
C THR C 17 25.59 11.03 -16.53
N MET C 18 26.63 11.37 -15.76
CA MET C 18 26.46 11.54 -14.32
C MET C 18 25.58 12.75 -13.99
N LYS C 19 25.33 13.59 -15.00
CA LYS C 19 24.41 14.73 -14.88
C LYS C 19 22.97 14.24 -14.66
N GLU C 20 22.65 13.10 -15.25
CA GLU C 20 21.31 12.53 -15.16
C GLU C 20 20.93 12.32 -13.70
N SER C 21 20.21 13.28 -13.14
CA SER C 21 19.82 13.20 -11.74
C SER C 21 18.32 13.39 -11.56
N LEU C 22 17.62 12.28 -11.37
CA LEU C 22 16.25 12.29 -10.88
C LEU C 22 16.17 11.22 -9.80
N THR C 23 14.97 10.92 -9.33
CA THR C 23 14.78 10.04 -8.19
C THR C 23 15.40 8.66 -8.36
N THR C 24 15.65 7.99 -7.23
CA THR C 24 16.12 6.62 -7.24
C THR C 24 15.03 5.72 -7.82
N ARG C 25 13.79 6.18 -7.72
CA ARG C 25 12.64 5.43 -8.22
C ARG C 25 12.58 5.43 -9.74
N GLU C 26 12.80 6.60 -10.34
CA GLU C 26 12.77 6.73 -11.79
C GLU C 26 13.92 5.96 -12.41
N ILE C 27 15.04 5.88 -11.69
CA ILE C 27 16.20 5.21 -12.27
C ILE C 27 15.88 3.71 -12.17
N ARG C 28 15.19 3.32 -11.10
CA ARG C 28 14.72 1.94 -10.93
C ARG C 28 13.75 1.53 -12.02
N ARG C 29 12.97 2.49 -12.52
CA ARG C 29 12.00 2.22 -13.57
C ARG C 29 12.67 2.05 -14.93
N GLN C 30 13.62 2.93 -15.22
CA GLN C 30 14.39 2.83 -16.46
C GLN C 30 15.17 1.52 -16.54
N GLU C 31 15.47 0.96 -15.38
CA GLU C 31 16.22 -0.27 -15.24
C GLU C 31 15.34 -1.47 -15.49
N ALA C 32 14.19 -1.50 -14.84
CA ALA C 32 13.22 -2.56 -15.08
C ALA C 32 12.93 -2.62 -16.58
N ILE C 33 12.80 -1.45 -17.21
CA ILE C 33 12.59 -1.37 -18.64
C ILE C 33 13.78 -1.94 -19.43
N TYR C 34 14.99 -1.56 -19.04
CA TYR C 34 16.17 -2.01 -19.76
C TYR C 34 16.46 -3.49 -19.49
N GLU C 35 16.10 -3.95 -18.31
CA GLU C 35 16.26 -5.37 -17.96
C GLU C 35 15.43 -6.23 -18.89
N MET C 36 14.20 -5.79 -19.15
CA MET C 36 13.32 -6.51 -20.06
C MET C 36 13.91 -6.55 -21.46
N SER C 37 14.47 -5.42 -21.90
CA SER C 37 15.09 -5.31 -23.21
C SER C 37 16.33 -6.20 -23.32
N ARG C 38 17.15 -6.21 -22.29
CA ARG C 38 18.31 -7.09 -22.22
C ARG C 38 17.90 -8.56 -22.33
N GLY C 39 16.76 -8.88 -21.71
CA GLY C 39 16.24 -10.23 -21.76
C GLY C 39 15.82 -10.64 -23.15
N GLU C 40 15.29 -9.68 -23.91
CA GLU C 40 14.86 -9.94 -25.29
C GLU C 40 16.07 -10.24 -26.18
N GLN C 41 17.13 -9.46 -26.00
CA GLN C 41 18.35 -9.67 -26.76
C GLN C 41 18.99 -11.02 -26.44
N ASP C 42 19.03 -11.37 -25.15
CA ASP C 42 19.55 -12.66 -24.72
C ASP C 42 18.75 -13.81 -25.32
N LEU C 43 17.43 -13.64 -25.31
CA LEU C 43 16.51 -14.61 -25.90
C LEU C 43 16.82 -14.84 -27.38
N ILE C 44 16.90 -13.76 -28.14
CA ILE C 44 17.18 -13.84 -29.57
C ILE C 44 18.50 -14.56 -29.85
N GLU C 45 19.54 -14.21 -29.11
CA GLU C 45 20.84 -14.82 -29.28
C GLU C 45 20.82 -16.33 -29.03
N ASP C 46 20.13 -16.74 -27.98
CA ASP C 46 20.11 -18.14 -27.58
C ASP C 46 19.24 -19.00 -28.49
N LEU C 47 18.21 -18.40 -29.06
CA LEU C 47 17.35 -19.11 -30.02
C LEU C 47 18.13 -19.37 -31.30
N LYS C 48 18.86 -18.36 -31.77
CA LYS C 48 19.74 -18.53 -32.92
C LYS C 48 20.77 -19.61 -32.64
N LEU C 49 21.36 -19.54 -31.46
CA LEU C 49 22.40 -20.48 -31.04
C LEU C 49 21.87 -21.91 -31.01
N ALA C 50 20.63 -22.07 -30.55
CA ALA C 50 20.04 -23.40 -30.42
C ALA C 50 19.93 -24.10 -31.78
N ARG C 51 19.56 -23.36 -32.82
CA ARG C 51 19.41 -23.98 -34.12
CA ARG C 51 19.40 -23.91 -34.16
CA ARG C 51 19.41 -23.95 -34.14
C ARG C 51 20.76 -24.16 -34.82
N LYS C 52 21.69 -23.23 -34.60
CA LYS C 52 23.02 -23.32 -35.22
C LYS C 52 23.94 -24.34 -34.56
N ALA C 53 23.85 -24.46 -33.23
CA ALA C 53 24.79 -25.27 -32.48
C ALA C 53 24.30 -26.70 -32.21
N TYR C 54 23.00 -26.89 -32.24
CA TYR C 54 22.42 -28.20 -31.94
C TYR C 54 21.75 -28.83 -33.16
N HIS C 55 20.73 -28.14 -33.68
CA HIS C 55 19.94 -28.65 -34.80
C HIS C 55 20.77 -28.89 -36.07
N ASP C 56 21.48 -27.86 -36.51
CA ASP C 56 22.19 -27.95 -37.78
C ASP C 56 23.34 -28.98 -37.77
N PRO C 57 24.15 -29.02 -36.71
CA PRO C 57 25.19 -30.07 -36.73
C PRO C 57 24.62 -31.50 -36.66
N MET C 58 23.58 -31.71 -35.86
CA MET C 58 22.98 -33.03 -35.75
C MET C 58 22.37 -33.48 -37.08
N LEU C 59 21.84 -32.51 -37.83
CA LEU C 59 21.30 -32.79 -39.15
C LEU C 59 22.39 -33.22 -40.13
N LYS C 60 23.47 -32.44 -40.19
CA LYS C 60 24.56 -32.69 -41.13
C LYS C 60 25.38 -33.94 -40.78
N LEU C 61 25.48 -34.23 -39.49
CA LEU C 61 26.27 -35.37 -39.03
C LEU C 61 25.44 -36.65 -38.96
N SER C 62 24.19 -36.56 -39.41
CA SER C 62 23.26 -37.67 -39.39
C SER C 62 23.11 -38.26 -37.99
N ILE C 63 23.08 -37.39 -36.99
CA ILE C 63 22.93 -37.82 -35.59
C ILE C 63 21.46 -38.09 -35.30
N MET C 64 20.59 -37.24 -35.83
CA MET C 64 19.17 -37.52 -35.86
C MET C 64 18.65 -37.20 -37.25
N SER C 65 17.50 -37.76 -37.60
CA SER C 65 16.92 -37.52 -38.92
C SER C 65 16.29 -36.14 -38.99
N GLU C 66 16.01 -35.70 -40.21
CA GLU C 66 15.37 -34.42 -40.44
C GLU C 66 14.00 -34.34 -39.78
N GLU C 67 13.22 -35.42 -39.88
CA GLU C 67 11.88 -35.45 -39.29
C GLU C 67 11.95 -35.40 -37.76
N GLU C 68 12.90 -36.11 -37.19
CA GLU C 68 13.09 -36.11 -35.74
C GLU C 68 13.48 -34.72 -35.23
N LEU C 69 14.40 -34.07 -35.94
CA LEU C 69 14.86 -32.75 -35.56
C LEU C 69 13.75 -31.72 -35.66
N THR C 70 12.93 -31.83 -36.71
CA THR C 70 11.81 -30.94 -36.89
C THR C 70 10.79 -31.13 -35.78
N HIS C 71 10.60 -32.38 -35.37
CA HIS C 71 9.70 -32.71 -34.27
C HIS C 71 10.19 -32.09 -32.96
N ILE C 72 11.50 -32.11 -32.75
CA ILE C 72 12.09 -31.63 -31.50
C ILE C 72 12.21 -30.12 -31.45
N PHE C 73 12.69 -29.52 -32.53
CA PHE C 73 12.94 -28.09 -32.55
C PHE C 73 11.74 -27.27 -33.02
N GLY C 74 10.94 -27.84 -33.92
CA GLY C 74 9.77 -27.16 -34.44
C GLY C 74 10.01 -25.72 -34.86
N ASP C 75 9.16 -24.83 -34.34
CA ASP C 75 9.28 -23.41 -34.65
C ASP C 75 9.86 -22.62 -33.47
N LEU C 76 10.73 -23.28 -32.71
CA LEU C 76 11.47 -22.65 -31.61
C LEU C 76 12.01 -21.29 -32.03
N ASP C 77 12.49 -21.27 -33.27
CA ASP C 77 13.27 -20.19 -33.85
C ASP C 77 12.44 -19.12 -34.55
N SER C 78 11.21 -19.46 -34.88
CA SER C 78 10.46 -18.74 -35.90
C SER C 78 9.99 -17.34 -35.52
N TYR C 79 9.94 -17.03 -34.24
CA TYR C 79 9.34 -15.78 -33.81
C TYR C 79 10.36 -14.80 -33.26
N ILE C 80 11.61 -14.96 -33.67
CA ILE C 80 12.64 -13.97 -33.39
C ILE C 80 12.27 -12.55 -33.86
N PRO C 81 11.74 -12.38 -35.10
CA PRO C 81 11.38 -11.01 -35.51
C PRO C 81 10.36 -10.35 -34.59
N LEU C 82 9.52 -11.17 -33.96
CA LEU C 82 8.57 -10.70 -32.97
C LEU C 82 9.29 -9.99 -31.83
N HIS C 83 10.39 -10.57 -31.37
CA HIS C 83 11.17 -10.00 -30.27
C HIS C 83 12.04 -8.85 -30.73
N GLU C 84 12.57 -8.95 -31.94
CA GLU C 84 13.33 -7.86 -32.54
C GLU C 84 12.43 -6.62 -32.70
N ASP C 85 11.17 -6.86 -33.02
CA ASP C 85 10.18 -5.80 -33.19
C ASP C 85 9.99 -5.01 -31.89
N LEU C 86 9.90 -5.72 -30.77
CA LEU C 86 9.77 -5.08 -29.47
C LEU C 86 10.99 -4.21 -29.17
N LEU C 87 12.17 -4.72 -29.52
CA LEU C 87 13.41 -3.97 -29.33
C LEU C 87 13.42 -2.69 -30.16
N THR C 88 12.87 -2.78 -31.38
CA THR C 88 12.84 -1.64 -32.28
C THR C 88 11.92 -0.54 -31.76
N ARG C 89 10.73 -0.92 -31.31
CA ARG C 89 9.75 0.05 -30.82
C ARG C 89 10.17 0.67 -29.50
N ILE C 90 10.81 -0.13 -28.64
CA ILE C 90 11.38 0.41 -27.42
C ILE C 90 12.49 1.39 -27.77
N GLY C 91 13.24 1.08 -28.82
CA GLY C 91 14.30 1.94 -29.29
C GLY C 91 13.78 3.25 -29.82
N GLU C 92 12.68 3.20 -30.55
CA GLU C 92 12.05 4.41 -31.08
C GLU C 92 11.42 5.24 -29.97
N ALA C 93 11.02 4.57 -28.88
CA ALA C 93 10.41 5.26 -27.75
C ALA C 93 11.46 5.73 -26.76
N THR C 94 12.73 5.57 -27.12
CA THR C 94 13.83 6.00 -26.27
C THR C 94 14.26 7.41 -26.63
N LYS C 95 14.29 8.30 -25.63
CA LYS C 95 14.69 9.69 -25.84
C LYS C 95 16.21 9.77 -26.04
N PRO C 96 16.71 10.87 -26.63
CA PRO C 96 18.15 11.09 -26.78
C PRO C 96 18.84 10.91 -25.43
N ASP C 97 18.09 11.33 -24.41
CA ASP C 97 18.32 10.97 -23.02
C ASP C 97 18.93 9.59 -22.78
N GLY C 98 18.36 8.56 -23.41
CA GLY C 98 18.62 7.20 -23.00
C GLY C 98 17.40 6.72 -22.21
N THR C 99 16.54 7.64 -21.81
CA THR C 99 15.37 7.32 -20.99
C THR C 99 14.13 7.02 -21.82
N VAL C 100 13.27 6.17 -21.27
CA VAL C 100 12.01 5.82 -21.91
C VAL C 100 10.84 6.42 -21.12
N GLU C 101 10.09 7.30 -21.76
CA GLU C 101 9.00 8.01 -21.11
C GLU C 101 7.84 7.07 -20.77
N GLN C 102 7.28 6.42 -21.79
CA GLN C 102 6.18 5.49 -21.57
C GLN C 102 6.37 4.21 -22.39
N ILE C 103 5.99 3.09 -21.80
CA ILE C 103 6.22 1.78 -22.42
C ILE C 103 4.94 0.97 -22.44
N GLY C 104 3.93 1.44 -21.72
CA GLY C 104 2.68 0.72 -21.57
C GLY C 104 1.97 0.43 -22.88
N HIS C 105 1.85 1.43 -23.74
CA HIS C 105 1.14 1.29 -25.00
C HIS C 105 1.83 0.29 -25.92
N ILE C 106 3.16 0.29 -25.88
CA ILE C 106 3.95 -0.65 -26.66
C ILE C 106 3.67 -2.09 -26.24
N LEU C 107 3.72 -2.33 -24.93
CA LEU C 107 3.53 -3.66 -24.39
C LEU C 107 2.10 -4.16 -24.60
N VAL C 108 1.13 -3.26 -24.44
CA VAL C 108 -0.28 -3.62 -24.62
C VAL C 108 -0.53 -4.16 -26.03
N SER C 109 0.12 -3.56 -27.02
CA SER C 109 -0.05 -3.97 -28.42
C SER C 109 0.86 -5.15 -28.81
N TRP C 110 1.98 -5.31 -28.11
CA TRP C 110 2.95 -6.34 -28.47
C TRP C 110 2.66 -7.70 -27.81
N LEU C 111 2.33 -7.67 -26.52
CA LEU C 111 2.12 -8.90 -25.75
C LEU C 111 1.13 -9.92 -26.36
N PRO C 112 0.01 -9.46 -26.95
CA PRO C 112 -0.90 -10.47 -27.53
C PRO C 112 -0.26 -11.27 -28.67
N ARG C 113 0.84 -10.77 -29.23
CA ARG C 113 1.50 -11.46 -30.32
C ARG C 113 2.27 -12.69 -29.84
N LEU C 114 2.46 -12.80 -28.53
CA LEU C 114 3.16 -13.95 -27.96
C LEU C 114 2.31 -15.22 -28.11
N ASN C 115 1.07 -15.02 -28.52
CA ASN C 115 0.19 -16.05 -29.09
C ASN C 115 0.92 -17.08 -29.95
N ALA C 116 1.91 -16.60 -30.70
CA ALA C 116 2.63 -17.43 -31.67
C ALA C 116 3.28 -18.66 -31.06
N TYR C 117 3.61 -18.59 -29.78
CA TYR C 117 4.34 -19.68 -29.11
C TYR C 117 3.44 -20.81 -28.62
N ARG C 118 2.13 -20.69 -28.81
CA ARG C 118 1.21 -21.67 -28.26
C ARG C 118 1.39 -23.05 -28.91
N GLY C 119 1.76 -23.05 -30.20
CA GLY C 119 2.03 -24.29 -30.89
C GLY C 119 3.28 -24.98 -30.37
N TYR C 120 4.37 -24.22 -30.28
CA TYR C 120 5.64 -24.77 -29.84
C TYR C 120 5.55 -25.34 -28.43
N CYS C 121 4.99 -24.54 -27.52
CA CYS C 121 4.87 -24.93 -26.13
C CYS C 121 4.00 -26.18 -25.97
N SER C 122 3.01 -26.33 -26.84
CA SER C 122 2.13 -27.50 -26.81
C SER C 122 2.85 -28.73 -27.35
N ASN C 123 3.87 -28.50 -28.18
CA ASN C 123 4.72 -29.59 -28.67
C ASN C 123 6.10 -29.50 -28.02
N GLN C 124 6.12 -29.51 -26.70
CA GLN C 124 7.37 -29.57 -25.98
C GLN C 124 7.42 -30.92 -25.26
N LEU C 125 6.25 -31.37 -24.82
CA LEU C 125 6.09 -32.65 -24.15
C LEU C 125 6.50 -33.79 -25.08
N ALA C 126 6.02 -33.74 -26.32
CA ALA C 126 6.34 -34.76 -27.31
C ALA C 126 7.81 -34.68 -27.70
N ALA C 127 8.34 -33.47 -27.76
CA ALA C 127 9.76 -33.27 -28.07
C ALA C 127 10.64 -33.91 -27.00
N LYS C 128 10.26 -33.70 -25.75
CA LYS C 128 10.96 -34.28 -24.61
C LYS C 128 10.91 -35.80 -24.63
N ALA C 129 9.76 -36.33 -25.03
CA ALA C 129 9.60 -37.78 -25.14
C ALA C 129 10.59 -38.38 -26.15
N LEU C 130 10.72 -37.73 -27.30
CA LEU C 130 11.66 -38.21 -28.32
C LEU C 130 13.10 -38.10 -27.84
N LEU C 131 13.42 -37.00 -27.17
CA LEU C 131 14.74 -36.83 -26.58
C LEU C 131 15.04 -37.92 -25.57
N ASP C 132 14.04 -38.28 -24.76
CA ASP C 132 14.21 -39.34 -23.78
C ASP C 132 14.44 -40.70 -24.44
N GLN C 133 13.82 -40.92 -25.60
CA GLN C 133 14.08 -42.12 -26.38
C GLN C 133 15.52 -42.17 -26.82
N LYS C 134 16.08 -41.01 -27.18
CA LYS C 134 17.41 -40.93 -27.72
C LYS C 134 18.51 -41.05 -26.66
N LYS C 135 18.12 -41.25 -25.41
CA LYS C 135 19.09 -41.50 -24.36
C LYS C 135 19.73 -42.87 -24.56
N GLN C 136 19.08 -43.69 -25.39
CA GLN C 136 19.61 -45.00 -25.74
C GLN C 136 20.61 -44.91 -26.89
N ASP C 137 20.61 -43.77 -27.57
CA ASP C 137 21.47 -43.56 -28.74
C ASP C 137 22.80 -42.94 -28.33
N PRO C 138 23.89 -43.73 -28.42
CA PRO C 138 25.24 -43.29 -28.02
C PRO C 138 25.72 -42.07 -28.81
N ARG C 139 25.45 -42.04 -30.11
CA ARG C 139 25.87 -40.93 -30.96
C ARG C 139 25.19 -39.63 -30.54
N VAL C 140 23.90 -39.71 -30.21
CA VAL C 140 23.17 -38.54 -29.75
C VAL C 140 23.73 -38.06 -28.42
N GLN C 141 23.89 -38.98 -27.48
CA GLN C 141 24.35 -38.63 -26.15
C GLN C 141 25.78 -38.08 -26.15
N ASP C 142 26.61 -38.61 -27.03
CA ASP C 142 28.00 -38.13 -27.12
C ASP C 142 28.07 -36.72 -27.68
N PHE C 143 27.21 -36.43 -28.66
CA PHE C 143 27.15 -35.08 -29.23
C PHE C 143 26.68 -34.07 -28.19
N LEU C 144 25.70 -34.48 -27.39
CA LEU C 144 25.18 -33.60 -26.33
C LEU C 144 26.24 -33.38 -25.26
N GLN C 145 27.04 -34.40 -24.98
CA GLN C 145 28.16 -34.25 -24.04
C GLN C 145 29.14 -33.23 -24.58
N ARG C 146 29.45 -33.36 -25.87
CA ARG C 146 30.37 -32.45 -26.54
C ARG C 146 29.90 -31.00 -26.43
N CYS C 147 28.61 -30.77 -26.64
CA CYS C 147 28.05 -29.42 -26.55
C CYS C 147 28.23 -28.86 -25.14
N LEU C 148 28.01 -29.70 -24.13
CA LEU C 148 28.15 -29.31 -22.74
C LEU C 148 29.60 -28.96 -22.39
N GLU C 149 30.54 -29.51 -23.15
CA GLU C 149 31.96 -29.31 -22.90
C GLU C 149 32.48 -28.02 -23.52
N SER C 150 31.68 -27.42 -24.41
CA SER C 150 32.11 -26.21 -25.11
C SER C 150 31.45 -24.96 -24.54
N PRO C 151 32.15 -23.82 -24.63
CA PRO C 151 31.73 -22.56 -24.01
C PRO C 151 30.37 -22.03 -24.45
N PHE C 152 29.98 -22.27 -25.71
CA PHE C 152 28.74 -21.67 -26.23
C PHE C 152 27.51 -22.10 -25.44
N SER C 153 27.55 -23.30 -24.87
CA SER C 153 26.38 -23.85 -24.17
C SER C 153 26.20 -23.27 -22.78
N ARG C 154 27.26 -22.66 -22.26
CA ARG C 154 27.31 -22.19 -20.88
C ARG C 154 26.95 -23.33 -19.92
N LYS C 155 27.36 -24.54 -20.28
CA LYS C 155 27.14 -25.75 -19.49
C LYS C 155 25.67 -26.13 -19.36
N LEU C 156 24.81 -25.49 -20.15
CA LEU C 156 23.39 -25.80 -20.16
C LEU C 156 23.10 -26.88 -21.19
N ASP C 157 22.17 -27.79 -20.87
CA ASP C 157 21.84 -28.87 -21.77
C ASP C 157 20.86 -28.40 -22.85
N LEU C 158 20.66 -29.24 -23.86
CA LEU C 158 19.78 -28.91 -24.96
C LEU C 158 18.36 -28.59 -24.49
N TRP C 159 17.86 -29.39 -23.56
CA TRP C 159 16.52 -29.19 -23.02
C TRP C 159 16.34 -27.77 -22.47
N SER C 160 17.39 -27.22 -21.87
CA SER C 160 17.32 -25.85 -21.36
C SER C 160 17.08 -24.86 -22.49
N PHE C 161 17.77 -25.05 -23.62
CA PHE C 161 17.58 -24.17 -24.78
C PHE C 161 16.20 -24.36 -25.40
N LEU C 162 15.71 -25.59 -25.38
CA LEU C 162 14.38 -25.88 -25.90
C LEU C 162 13.28 -25.29 -25.02
N ASP C 163 13.61 -25.07 -23.75
CA ASP C 163 12.64 -24.55 -22.79
C ASP C 163 12.69 -23.03 -22.69
N ILE C 164 13.49 -22.41 -23.56
CA ILE C 164 13.64 -20.96 -23.55
C ILE C 164 12.32 -20.19 -23.72
N PRO C 165 11.47 -20.56 -24.69
CA PRO C 165 10.20 -19.82 -24.81
C PRO C 165 9.31 -19.89 -23.58
N ARG C 166 9.05 -21.09 -23.06
CA ARG C 166 8.22 -21.25 -21.88
C ARG C 166 8.78 -20.46 -20.70
N SER C 167 10.10 -20.54 -20.53
CA SER C 167 10.78 -19.88 -19.43
C SER C 167 10.71 -18.36 -19.53
N ARG C 168 10.83 -17.85 -20.75
CA ARG C 168 10.77 -16.40 -20.95
C ARG C 168 9.33 -15.89 -20.79
N LEU C 169 8.38 -16.64 -21.33
CA LEU C 169 6.97 -16.24 -21.33
C LEU C 169 6.41 -15.97 -19.93
N VAL C 170 6.72 -16.86 -18.99
CA VAL C 170 6.19 -16.71 -17.64
C VAL C 170 6.87 -15.59 -16.86
N LYS C 171 7.91 -15.00 -17.43
CA LYS C 171 8.60 -13.89 -16.79
C LYS C 171 8.04 -12.51 -17.14
N TYR C 172 7.31 -12.42 -18.24
CA TYR C 172 6.76 -11.14 -18.67
C TYR C 172 5.85 -10.48 -17.61
N PRO C 173 4.96 -11.26 -16.95
CA PRO C 173 4.17 -10.61 -15.88
C PRO C 173 5.04 -10.08 -14.75
N LEU C 174 6.12 -10.80 -14.43
CA LEU C 174 7.03 -10.38 -13.37
C LEU C 174 7.79 -9.12 -13.77
N LEU C 175 8.23 -9.08 -15.02
CA LEU C 175 8.95 -7.92 -15.53
C LEU C 175 8.07 -6.69 -15.58
N LEU C 176 6.81 -6.88 -15.96
CA LEU C 176 5.85 -5.78 -16.06
C LEU C 176 5.50 -5.21 -14.69
N LYS C 177 5.29 -6.09 -13.73
CA LYS C 177 4.99 -5.66 -12.36
C LYS C 177 6.12 -4.86 -11.74
N GLU C 178 7.36 -5.17 -12.11
CA GLU C 178 8.52 -4.45 -11.59
C GLU C 178 8.55 -3.03 -12.14
N ILE C 179 8.26 -2.91 -13.44
CA ILE C 179 8.19 -1.59 -14.09
C ILE C 179 7.07 -0.76 -13.47
N LEU C 180 5.94 -1.41 -13.21
CA LEU C 180 4.79 -0.76 -12.60
C LEU C 180 5.09 -0.31 -11.17
N LYS C 181 5.90 -1.09 -10.47
CA LYS C 181 6.25 -0.81 -9.09
C LYS C 181 7.02 0.51 -8.96
N HIS C 182 7.76 0.87 -10.00
CA HIS C 182 8.55 2.09 -9.96
C HIS C 182 7.93 3.21 -10.79
N THR C 183 6.68 3.03 -11.19
CA THR C 183 5.98 4.03 -11.99
C THR C 183 5.15 4.95 -11.10
N PRO C 184 5.40 6.28 -11.19
CA PRO C 184 4.63 7.28 -10.45
C PRO C 184 3.15 7.16 -10.77
N LYS C 185 2.27 7.27 -9.78
CA LYS C 185 0.87 6.94 -9.99
C LYS C 185 0.11 8.03 -10.75
N GLU C 186 0.77 9.14 -11.06
CA GLU C 186 0.22 10.13 -11.97
C GLU C 186 0.42 9.65 -13.42
N HIS C 187 1.53 8.97 -13.64
CA HIS C 187 1.96 8.50 -14.96
C HIS C 187 0.90 7.66 -15.66
N PRO C 188 0.76 7.84 -16.98
CA PRO C 188 -0.20 7.08 -17.80
C PRO C 188 0.14 5.59 -17.94
N ASP C 189 1.39 5.21 -17.68
CA ASP C 189 1.78 3.81 -17.79
C ASP C 189 1.16 2.96 -16.69
N VAL C 190 0.67 3.61 -15.63
CA VAL C 190 0.07 2.90 -14.52
C VAL C 190 -1.07 2.00 -14.97
N GLN C 191 -2.05 2.58 -15.64
CA GLN C 191 -3.20 1.81 -16.08
C GLN C 191 -2.85 0.99 -17.32
N LEU C 192 -1.90 1.49 -18.12
CA LEU C 192 -1.47 0.77 -19.31
C LEU C 192 -0.71 -0.52 -18.96
N LEU C 193 0.13 -0.46 -17.94
CA LEU C 193 0.85 -1.65 -17.50
C LEU C 193 -0.11 -2.62 -16.82
N GLU C 194 -1.10 -2.09 -16.12
CA GLU C 194 -2.12 -2.94 -15.49
C GLU C 194 -2.92 -3.67 -16.56
N ASP C 195 -3.19 -2.98 -17.66
CA ASP C 195 -3.84 -3.62 -18.82
C ASP C 195 -2.92 -4.67 -19.42
N ALA C 196 -1.64 -4.33 -19.54
CA ALA C 196 -0.65 -5.23 -20.14
C ALA C 196 -0.48 -6.51 -19.33
N ILE C 197 -0.53 -6.39 -18.01
CA ILE C 197 -0.45 -7.53 -17.12
C ILE C 197 -1.63 -8.47 -17.35
N LEU C 198 -2.83 -7.92 -17.45
CA LEU C 198 -4.01 -8.72 -17.73
C LEU C 198 -3.91 -9.40 -19.10
N ILE C 199 -3.29 -8.71 -20.04
CA ILE C 199 -3.13 -9.25 -21.39
C ILE C 199 -2.23 -10.48 -21.40
N ILE C 200 -1.06 -10.38 -20.80
CA ILE C 200 -0.11 -11.49 -20.82
C ILE C 200 -0.65 -12.66 -19.97
N GLN C 201 -1.43 -12.35 -18.94
CA GLN C 201 -2.06 -13.40 -18.15
C GLN C 201 -3.06 -14.19 -19.00
N GLY C 202 -3.78 -13.48 -19.87
CA GLY C 202 -4.68 -14.13 -20.80
C GLY C 202 -3.93 -14.99 -21.79
N VAL C 203 -2.82 -14.45 -22.31
CA VAL C 203 -1.95 -15.16 -23.25
C VAL C 203 -1.38 -16.43 -22.61
N LEU C 204 -0.87 -16.28 -21.39
CA LEU C 204 -0.30 -17.41 -20.67
C LEU C 204 -1.35 -18.45 -20.32
N SER C 205 -2.55 -17.98 -19.98
CA SER C 205 -3.67 -18.88 -19.71
C SER C 205 -4.01 -19.72 -20.94
N ASP C 206 -4.02 -19.08 -22.11
CA ASP C 206 -4.32 -19.78 -23.35
C ASP C 206 -3.24 -20.82 -23.69
N ILE C 207 -1.98 -20.41 -23.56
CA ILE C 207 -0.86 -21.31 -23.81
C ILE C 207 -0.91 -22.48 -22.82
N ASN C 208 -1.23 -22.17 -21.57
CA ASN C 208 -1.38 -23.18 -20.54
C ASN C 208 -2.46 -24.21 -20.88
N LEU C 209 -3.61 -23.72 -21.34
CA LEU C 209 -4.73 -24.59 -21.68
C LEU C 209 -4.44 -25.41 -22.93
N LYS C 210 -3.79 -24.78 -23.90
CA LYS C 210 -3.40 -25.47 -25.13
C LYS C 210 -2.42 -26.62 -24.85
N LYS C 211 -1.48 -26.36 -23.94
CA LYS C 211 -0.52 -27.40 -23.54
C LYS C 211 -1.27 -28.57 -22.93
N GLY C 212 -2.23 -28.26 -22.06
CA GLY C 212 -3.06 -29.27 -21.45
C GLY C 212 -3.84 -30.09 -22.46
N GLU C 213 -4.42 -29.42 -23.44
CA GLU C 213 -5.16 -30.12 -24.50
C GLU C 213 -4.26 -31.07 -25.28
N SER C 214 -3.07 -30.61 -25.63
CA SER C 214 -2.13 -31.44 -26.39
C SER C 214 -1.68 -32.63 -25.56
N GLU C 215 -1.38 -32.41 -24.29
CA GLU C 215 -0.97 -33.50 -23.41
C GLU C 215 -2.10 -34.50 -23.27
N CYS C 216 -3.33 -33.98 -23.17
CA CYS C 216 -4.52 -34.81 -23.09
C CYS C 216 -4.64 -35.68 -24.33
N GLN C 217 -4.54 -35.07 -25.50
CA GLN C 217 -4.64 -35.80 -26.77
C GLN C 217 -3.47 -36.76 -26.96
N TYR C 218 -2.30 -36.34 -26.50
CA TYR C 218 -1.09 -37.15 -26.58
C TYR C 218 -1.29 -38.52 -25.95
N TYR C 219 -1.91 -38.58 -24.79
CA TYR C 219 -2.08 -39.84 -24.10
C TYR C 219 -3.33 -40.59 -24.58
N ILE C 220 -4.36 -39.85 -24.95
CA ILE C 220 -5.55 -40.46 -25.54
C ILE C 220 -5.17 -41.27 -26.78
N ASP C 221 -4.22 -40.76 -27.54
CA ASP C 221 -3.75 -41.44 -28.75
C ASP C 221 -2.97 -42.71 -28.45
N LYS C 222 -2.46 -42.84 -27.23
CA LYS C 222 -1.66 -44.00 -26.87
C LYS C 222 -2.48 -45.06 -26.14
N LEU C 223 -3.77 -44.81 -26.00
CA LEU C 223 -4.67 -45.75 -25.34
C LEU C 223 -5.01 -46.93 -26.26
N GLU C 224 -4.98 -48.13 -25.69
CA GLU C 224 -5.29 -49.35 -26.42
C GLU C 224 -6.41 -50.09 -25.70
N TYR C 225 -7.33 -50.66 -26.46
CA TYR C 225 -8.51 -51.30 -25.88
C TYR C 225 -8.61 -52.79 -26.19
N LEU C 226 -8.91 -53.59 -25.18
CA LEU C 226 -9.19 -55.01 -25.36
C LEU C 226 -10.51 -55.20 -26.10
N ASP C 227 -11.52 -54.47 -25.65
CA ASP C 227 -12.86 -54.63 -26.18
C ASP C 227 -13.45 -53.26 -26.47
N GLU C 228 -14.39 -53.22 -27.41
CA GLU C 228 -15.09 -51.99 -27.76
C GLU C 228 -15.85 -51.40 -26.56
N LYS C 229 -16.28 -52.26 -25.65
CA LYS C 229 -17.07 -51.83 -24.50
C LYS C 229 -16.23 -51.03 -23.50
N GLN C 230 -14.91 -51.14 -23.62
CA GLN C 230 -14.01 -50.37 -22.78
C GLN C 230 -13.91 -48.93 -23.25
N ARG C 231 -14.24 -48.71 -24.52
CA ARG C 231 -14.18 -47.37 -25.09
C ARG C 231 -15.36 -46.53 -24.59
N ASP C 232 -15.11 -45.26 -24.35
CA ASP C 232 -16.12 -44.34 -23.85
C ASP C 232 -15.92 -42.99 -24.52
N PRO C 233 -17.01 -42.44 -25.11
CA PRO C 233 -16.95 -41.16 -25.82
C PRO C 233 -16.37 -40.03 -24.97
N ARG C 234 -16.54 -40.13 -23.65
CA ARG C 234 -16.05 -39.10 -22.74
C ARG C 234 -14.52 -39.07 -22.68
N ILE C 235 -13.90 -40.20 -23.02
CA ILE C 235 -12.44 -40.24 -23.13
C ILE C 235 -11.96 -39.40 -24.30
N GLU C 236 -12.44 -39.71 -25.50
CA GLU C 236 -12.07 -38.98 -26.71
C GLU C 236 -12.42 -37.50 -26.63
N ALA C 237 -13.51 -37.19 -25.94
CA ALA C 237 -14.00 -35.82 -25.87
C ALA C 237 -13.23 -34.99 -24.83
N SER C 238 -12.40 -35.65 -24.03
CA SER C 238 -11.64 -34.96 -22.99
C SER C 238 -10.67 -33.93 -23.56
N LYS C 239 -10.54 -32.81 -22.87
CA LYS C 239 -9.60 -31.75 -23.25
C LYS C 239 -8.68 -31.42 -22.09
N VAL C 240 -9.04 -31.92 -20.91
CA VAL C 240 -8.26 -31.70 -19.70
C VAL C 240 -7.87 -33.01 -19.05
N LEU C 241 -6.56 -33.19 -18.84
CA LEU C 241 -6.05 -34.35 -18.11
C LEU C 241 -5.56 -33.88 -16.75
N LEU C 242 -6.38 -34.10 -15.72
CA LEU C 242 -6.12 -33.52 -14.40
C LEU C 242 -4.88 -34.10 -13.72
N CYS C 243 -4.74 -35.42 -13.81
CA CYS C 243 -3.67 -36.11 -13.10
C CYS C 243 -3.41 -37.46 -13.77
N HIS C 244 -2.14 -37.82 -13.91
CA HIS C 244 -1.80 -39.13 -14.46
C HIS C 244 -0.45 -39.60 -13.92
N GLY C 245 -0.28 -40.92 -13.86
CA GLY C 245 0.92 -41.51 -13.28
C GLY C 245 0.65 -42.91 -12.79
N GLU C 246 1.67 -43.57 -12.26
CA GLU C 246 1.53 -44.95 -11.86
C GLU C 246 1.18 -45.10 -10.39
N LEU C 247 0.35 -46.08 -10.11
CA LEU C 247 -0.04 -46.44 -8.76
C LEU C 247 0.01 -47.96 -8.66
N ARG C 248 0.17 -48.48 -7.45
CA ARG C 248 0.22 -49.92 -7.26
C ARG C 248 -1.17 -50.47 -6.95
N SER C 249 -1.56 -51.53 -7.65
CA SER C 249 -2.85 -52.18 -7.40
C SER C 249 -2.72 -53.21 -6.29
N LYS C 250 -3.86 -53.68 -5.80
CA LYS C 250 -3.89 -54.66 -4.71
C LYS C 250 -3.21 -55.95 -5.15
N SER C 251 -3.42 -56.31 -6.40
CA SER C 251 -2.82 -57.52 -6.96
C SER C 251 -1.29 -57.41 -6.95
N GLY C 252 -0.81 -56.18 -7.14
CA GLY C 252 0.62 -55.93 -7.22
C GLY C 252 0.98 -55.30 -8.55
N HIS C 253 0.05 -55.36 -9.51
CA HIS C 253 0.24 -54.73 -10.81
C HIS C 253 0.48 -53.24 -10.66
N LYS C 254 1.47 -52.74 -11.38
CA LYS C 254 1.67 -51.31 -11.49
C LYS C 254 0.76 -50.79 -12.59
N LEU C 255 -0.28 -50.05 -12.21
CA LEU C 255 -1.22 -49.52 -13.17
C LEU C 255 -0.87 -48.08 -13.49
N TYR C 256 -1.17 -47.64 -14.71
CA TYR C 256 -1.03 -46.23 -15.05
C TYR C 256 -2.41 -45.62 -15.17
N ILE C 257 -2.70 -44.67 -14.29
CA ILE C 257 -4.03 -44.11 -14.21
C ILE C 257 -4.10 -42.74 -14.88
N PHE C 258 -5.13 -42.54 -15.69
CA PHE C 258 -5.41 -41.23 -16.27
C PHE C 258 -6.69 -40.66 -15.69
N LEU C 259 -6.59 -39.54 -15.00
CA LEU C 259 -7.77 -38.83 -14.52
C LEU C 259 -8.09 -37.66 -15.42
N PHE C 260 -9.01 -37.85 -16.35
CA PHE C 260 -9.53 -36.75 -17.15
C PHE C 260 -10.62 -36.05 -16.34
N GLN C 261 -11.03 -34.87 -16.79
CA GLN C 261 -12.04 -34.09 -16.09
C GLN C 261 -13.33 -34.90 -15.90
N ASP C 262 -13.70 -35.69 -16.90
CA ASP C 262 -15.00 -36.35 -16.93
C ASP C 262 -14.93 -37.86 -16.74
N ILE C 263 -13.73 -38.42 -16.74
CA ILE C 263 -13.61 -39.87 -16.68
C ILE C 263 -12.23 -40.33 -16.20
N LEU C 264 -12.21 -41.41 -15.42
CA LEU C 264 -10.98 -41.99 -14.91
C LEU C 264 -10.69 -43.30 -15.64
N VAL C 265 -9.51 -43.39 -16.23
CA VAL C 265 -9.12 -44.58 -16.99
C VAL C 265 -7.93 -45.27 -16.32
N LEU C 266 -8.12 -46.54 -15.96
CA LEU C 266 -7.02 -47.33 -15.45
C LEU C 266 -6.41 -48.12 -16.58
N THR C 267 -5.09 -48.15 -16.64
CA THR C 267 -4.41 -48.82 -17.76
C THR C 267 -3.25 -49.68 -17.29
N ARG C 268 -2.95 -50.71 -18.07
CA ARG C 268 -1.67 -51.38 -17.97
C ARG C 268 -0.82 -50.97 -19.16
N PRO C 269 0.30 -50.31 -18.88
CA PRO C 269 1.21 -49.84 -19.93
C PRO C 269 1.89 -51.00 -20.70
N VAL C 270 1.91 -50.93 -22.02
CA VAL C 270 2.54 -51.92 -22.87
C VAL C 270 3.58 -51.27 -23.76
N THR C 271 4.52 -52.05 -24.25
CA THR C 271 5.61 -51.48 -25.04
C THR C 271 5.54 -51.75 -26.53
N ARG C 272 5.73 -50.69 -27.32
CA ARG C 272 5.92 -50.77 -28.78
C ARG C 272 7.39 -50.81 -29.28
N ASN C 273 7.61 -50.55 -30.56
CA ASN C 273 8.93 -50.21 -31.03
C ASN C 273 9.05 -48.82 -30.45
N GLU C 274 10.00 -48.64 -29.57
CA GLU C 274 10.26 -47.35 -28.90
C GLU C 274 9.24 -46.94 -27.86
N ARG C 275 7.97 -46.85 -28.22
CA ARG C 275 7.00 -46.12 -27.40
C ARG C 275 6.12 -46.99 -26.52
N HIS C 276 5.81 -46.52 -25.34
CA HIS C 276 4.85 -47.23 -24.50
C HIS C 276 3.46 -46.85 -24.97
N SER C 277 2.55 -47.82 -24.94
CA SER C 277 1.13 -47.52 -25.09
C SER C 277 0.45 -47.96 -23.80
N TYR C 278 -0.79 -47.54 -23.60
CA TYR C 278 -1.47 -47.85 -22.36
C TYR C 278 -2.73 -48.66 -22.59
N GLN C 279 -2.69 -49.92 -22.14
CA GLN C 279 -3.79 -50.85 -22.34
C GLN C 279 -4.83 -50.68 -21.25
N VAL C 280 -6.02 -50.23 -21.65
CA VAL C 280 -7.11 -49.98 -20.72
C VAL C 280 -7.43 -51.21 -19.88
N TYR C 281 -7.49 -51.00 -18.57
CA TYR C 281 -7.73 -52.08 -17.62
C TYR C 281 -9.15 -51.98 -17.06
N ARG C 282 -9.93 -53.04 -17.28
CA ARG C 282 -11.34 -53.07 -16.88
C ARG C 282 -12.10 -51.92 -17.54
N GLN C 283 -13.16 -51.44 -16.89
CA GLN C 283 -13.94 -50.34 -17.45
C GLN C 283 -13.47 -48.99 -16.92
N PRO C 284 -13.34 -48.00 -17.82
CA PRO C 284 -13.10 -46.62 -17.39
C PRO C 284 -14.26 -46.13 -16.54
N ILE C 285 -13.96 -45.40 -15.48
CA ILE C 285 -14.99 -44.93 -14.56
C ILE C 285 -15.32 -43.47 -14.80
N PRO C 286 -16.52 -43.18 -15.33
CA PRO C 286 -16.97 -41.80 -15.48
C PRO C 286 -17.01 -41.11 -14.13
N VAL C 287 -16.53 -39.87 -14.07
CA VAL C 287 -16.51 -39.12 -12.82
C VAL C 287 -17.92 -39.02 -12.24
N GLN C 288 -18.92 -38.94 -13.12
CA GLN C 288 -20.32 -38.94 -12.72
C GLN C 288 -20.69 -40.14 -11.85
N GLU C 289 -20.01 -41.26 -12.07
CA GLU C 289 -20.31 -42.49 -11.35
C GLU C 289 -19.17 -42.91 -10.42
N LEU C 290 -18.20 -42.02 -10.25
CA LEU C 290 -17.00 -42.33 -9.48
C LEU C 290 -17.17 -42.07 -7.98
N VAL C 291 -16.77 -43.04 -7.17
CA VAL C 291 -16.76 -42.88 -5.72
C VAL C 291 -15.34 -43.05 -5.18
N LEU C 292 -14.90 -42.09 -4.37
CA LEU C 292 -13.57 -42.11 -3.78
C LEU C 292 -13.63 -42.40 -2.28
N GLU C 293 -12.86 -43.37 -1.83
CA GLU C 293 -12.84 -43.75 -0.41
C GLU C 293 -11.43 -43.70 0.18
N ASP C 294 -11.28 -42.97 1.27
CA ASP C 294 -10.02 -42.92 1.98
C ASP C 294 -9.88 -44.17 2.85
N LEU C 295 -8.76 -44.87 2.70
CA LEU C 295 -8.49 -46.04 3.51
C LEU C 295 -7.38 -45.71 4.50
N GLN C 296 -7.42 -46.36 5.66
CA GLN C 296 -6.37 -46.18 6.66
C GLN C 296 -5.22 -47.13 6.40
N ASP C 297 -4.03 -46.74 6.83
CA ASP C 297 -2.85 -47.60 6.72
C ASP C 297 -3.12 -48.94 7.41
N GLY C 298 -2.98 -50.03 6.65
CA GLY C 298 -3.17 -51.36 7.20
C GLY C 298 -4.50 -52.01 6.87
N ASP C 299 -5.41 -51.27 6.22
CA ASP C 299 -6.71 -51.82 5.86
C ASP C 299 -6.60 -52.95 4.85
N VAL C 300 -5.63 -52.84 3.93
CA VAL C 300 -5.48 -53.81 2.84
C VAL C 300 -4.03 -54.31 2.73
N ARG C 301 -3.87 -55.57 2.33
CA ARG C 301 -2.55 -56.19 2.25
C ARG C 301 -1.68 -55.64 1.14
N MET C 302 -2.25 -55.53 -0.06
CA MET C 302 -1.51 -55.19 -1.27
C MET C 302 -0.43 -56.23 -1.53
N ALA C 316 1.37 -51.56 3.35
CA ALA C 316 -0.07 -51.42 3.51
C ALA C 316 -0.44 -49.97 3.82
N LYS C 317 0.43 -49.04 3.44
CA LYS C 317 0.24 -47.63 3.78
C LYS C 317 -0.09 -46.80 2.55
N ASN C 318 -0.69 -45.63 2.79
CA ASN C 318 -0.97 -44.65 1.74
C ASN C 318 -1.86 -45.21 0.64
N ILE C 319 -2.95 -45.83 1.06
CA ILE C 319 -3.87 -46.46 0.14
C ILE C 319 -5.23 -45.76 0.13
N PHE C 320 -5.95 -45.94 -0.97
CA PHE C 320 -7.30 -45.42 -1.11
C PHE C 320 -8.04 -46.26 -2.13
N ARG C 321 -9.36 -46.11 -2.19
CA ARG C 321 -10.17 -46.92 -3.10
C ARG C 321 -11.02 -46.07 -4.03
N ILE C 322 -11.11 -46.50 -5.28
CA ILE C 322 -12.05 -45.91 -6.22
C ILE C 322 -12.97 -47.00 -6.73
N ARG C 323 -14.20 -46.61 -7.09
CA ARG C 323 -15.16 -47.57 -7.61
C ARG C 323 -16.36 -46.88 -8.24
N PHE C 324 -17.20 -47.66 -8.90
CA PHE C 324 -18.48 -47.20 -9.41
C PHE C 324 -19.46 -46.99 -8.28
N HIS C 325 -20.16 -45.85 -8.31
CA HIS C 325 -21.37 -45.69 -7.50
C HIS C 325 -22.26 -46.84 -7.94
N ASP C 326 -22.57 -47.73 -6.99
CA ASP C 326 -23.09 -49.06 -7.39
C ASP C 326 -24.60 -49.22 -7.59
N PRO C 327 -25.27 -48.19 -8.12
CA PRO C 327 -26.36 -48.47 -9.07
C PRO C 327 -25.81 -49.20 -10.30
N SER C 328 -24.56 -48.83 -10.59
CA SER C 328 -23.78 -49.42 -11.65
C SER C 328 -23.20 -50.74 -11.16
N PRO C 329 -22.82 -51.62 -12.08
CA PRO C 329 -22.17 -52.90 -11.74
C PRO C 329 -20.85 -52.68 -10.99
N ALA C 330 -20.43 -53.72 -10.28
CA ALA C 330 -19.37 -53.60 -9.29
C ALA C 330 -17.96 -53.74 -9.86
N GLN C 331 -17.20 -52.64 -9.83
CA GLN C 331 -15.75 -52.71 -10.02
C GLN C 331 -15.08 -51.68 -9.13
N SER C 332 -14.15 -52.15 -8.31
CA SER C 332 -13.45 -51.32 -7.35
C SER C 332 -11.96 -51.59 -7.36
N HIS C 333 -11.18 -50.55 -7.09
CA HIS C 333 -9.73 -50.67 -7.13
C HIS C 333 -9.13 -50.03 -5.89
N THR C 334 -8.33 -50.81 -5.16
CA THR C 334 -7.54 -50.26 -4.08
C THR C 334 -6.18 -49.89 -4.64
N LEU C 335 -5.84 -48.61 -4.55
CA LEU C 335 -4.61 -48.11 -5.11
C LEU C 335 -3.69 -47.60 -4.02
N GLN C 336 -2.38 -47.79 -4.23
CA GLN C 336 -1.37 -47.34 -3.27
C GLN C 336 -0.42 -46.33 -3.89
N ALA C 337 -0.26 -45.19 -3.23
CA ALA C 337 0.68 -44.17 -3.66
C ALA C 337 2.08 -44.44 -3.08
N ASN C 338 3.05 -43.62 -3.49
CA ASN C 338 4.44 -43.81 -3.06
C ASN C 338 4.67 -43.38 -1.62
N ASP C 339 3.90 -42.38 -1.18
CA ASP C 339 4.02 -41.84 0.16
C ASP C 339 2.76 -41.06 0.55
N VAL C 340 2.74 -40.50 1.75
CA VAL C 340 1.55 -39.85 2.26
C VAL C 340 1.18 -38.62 1.43
N PHE C 341 2.17 -37.82 1.06
CA PHE C 341 1.91 -36.61 0.30
C PHE C 341 1.64 -36.93 -1.17
N HIS C 342 2.20 -38.03 -1.66
CA HIS C 342 1.88 -38.46 -3.02
C HIS C 342 0.41 -38.88 -3.09
N LYS C 343 -0.06 -39.56 -2.04
CA LYS C 343 -1.46 -39.95 -1.96
C LYS C 343 -2.35 -38.71 -1.97
N GLN C 344 -1.90 -37.67 -1.28
CA GLN C 344 -2.61 -36.42 -1.20
C GLN C 344 -2.80 -35.79 -2.57
N GLN C 345 -1.79 -35.91 -3.43
CA GLN C 345 -1.89 -35.36 -4.77
C GLN C 345 -2.99 -36.06 -5.56
N TRP C 346 -2.98 -37.38 -5.52
CA TRP C 346 -4.02 -38.17 -6.19
C TRP C 346 -5.40 -37.98 -5.54
N PHE C 347 -5.44 -38.05 -4.21
CA PHE C 347 -6.71 -37.97 -3.51
C PHE C 347 -7.40 -36.62 -3.73
N ASN C 348 -6.64 -35.54 -3.58
CA ASN C 348 -7.20 -34.19 -3.79
C ASN C 348 -7.66 -33.98 -5.23
N CYS C 349 -6.90 -34.49 -6.19
CA CYS C 349 -7.26 -34.37 -7.60
C CYS C 349 -8.57 -35.07 -7.90
N ILE C 350 -8.71 -36.30 -7.41
CA ILE C 350 -9.93 -37.07 -7.67
C ILE C 350 -11.12 -36.47 -6.93
N ARG C 351 -10.90 -36.08 -5.67
CA ARG C 351 -11.94 -35.47 -4.86
C ARG C 351 -12.46 -34.19 -5.51
N ALA C 352 -11.55 -33.36 -6.01
CA ALA C 352 -11.91 -32.12 -6.67
C ALA C 352 -12.67 -32.36 -7.97
N ALA C 353 -12.26 -33.39 -8.72
CA ALA C 353 -12.93 -33.75 -9.96
C ALA C 353 -14.37 -34.18 -9.71
N ILE C 354 -14.56 -35.00 -8.69
CA ILE C 354 -15.90 -35.46 -8.32
C ILE C 354 -16.76 -34.29 -7.86
N ALA C 355 -16.18 -33.42 -7.02
CA ALA C 355 -16.87 -32.24 -6.53
C ALA C 355 -17.26 -31.31 -7.69
N HIS C 356 -16.33 -31.14 -8.63
CA HIS C 356 -16.55 -30.27 -9.78
C HIS C 356 -17.72 -30.75 -10.64
N HIS C 357 -17.81 -32.07 -10.83
CA HIS C 357 -18.90 -32.63 -11.61
C HIS C 357 -20.25 -32.38 -10.95
N HIS C 358 -20.32 -32.66 -9.66
CA HIS C 358 -21.58 -32.53 -8.91
C HIS C 358 -21.95 -31.07 -8.66
N HIS C 359 -20.98 -30.17 -8.78
CA HIS C 359 -21.29 -28.75 -8.62
C HIS C 359 -21.91 -28.18 -9.90
N HIS C 360 -21.54 -28.77 -11.03
CA HIS C 360 -22.07 -28.34 -12.32
C HIS C 360 -23.19 -29.27 -12.80
N HIS C 361 -23.30 -30.43 -12.14
CA HIS C 361 -24.34 -31.42 -12.45
C HIS C 361 -24.34 -31.81 -13.93
N ALA D 3 32.79 -34.60 -16.19
CA ALA D 3 32.11 -33.62 -15.36
C ALA D 3 30.94 -34.26 -14.61
N ILE D 4 30.64 -33.76 -13.42
CA ILE D 4 29.46 -34.17 -12.70
C ILE D 4 28.38 -33.11 -12.85
N ARG D 5 27.26 -33.48 -13.42
CA ARG D 5 26.20 -32.52 -13.73
C ARG D 5 24.91 -32.87 -13.01
N LYS D 6 24.39 -31.91 -12.26
CA LYS D 6 23.16 -32.11 -11.49
C LYS D 6 22.18 -30.97 -11.74
N LYS D 7 20.90 -31.33 -11.87
CA LYS D 7 19.85 -30.34 -12.09
C LYS D 7 19.12 -30.03 -10.79
N LEU D 8 19.05 -28.75 -10.46
CA LEU D 8 18.32 -28.29 -9.30
C LEU D 8 17.09 -27.50 -9.75
N VAL D 9 15.94 -27.82 -9.16
CA VAL D 9 14.72 -27.08 -9.37
C VAL D 9 14.25 -26.48 -8.06
N ILE D 10 14.00 -25.17 -8.05
CA ILE D 10 13.54 -24.50 -6.85
C ILE D 10 12.03 -24.31 -6.92
N VAL D 11 11.34 -24.69 -5.84
CA VAL D 11 9.89 -24.65 -5.81
C VAL D 11 9.39 -23.95 -4.55
N GLY D 12 8.21 -23.35 -4.62
CA GLY D 12 7.63 -22.66 -3.49
C GLY D 12 6.74 -21.52 -3.93
N ASP D 13 6.12 -20.86 -2.97
CA ASP D 13 5.22 -19.76 -3.26
C ASP D 13 5.96 -18.60 -3.92
N GLY D 14 5.26 -17.85 -4.75
CA GLY D 14 5.88 -16.78 -5.53
C GLY D 14 6.52 -15.68 -4.71
N ALA D 15 6.01 -15.45 -3.51
CA ALA D 15 6.48 -14.33 -2.69
C ALA D 15 7.60 -14.70 -1.73
N CYS D 16 8.04 -15.96 -1.75
CA CYS D 16 8.97 -16.44 -0.73
C CYS D 16 10.45 -16.16 -1.07
N GLY D 17 10.70 -15.49 -2.18
CA GLY D 17 12.06 -15.08 -2.52
C GLY D 17 12.91 -16.16 -3.16
N LYS D 18 12.28 -17.02 -3.94
CA LYS D 18 12.99 -18.08 -4.68
C LYS D 18 14.06 -17.50 -5.59
N THR D 19 13.69 -16.47 -6.34
CA THR D 19 14.55 -15.89 -7.34
C THR D 19 15.75 -15.17 -6.74
N CYS D 20 15.52 -14.46 -5.63
CA CYS D 20 16.59 -13.76 -4.92
C CYS D 20 17.68 -14.72 -4.49
N LEU D 21 17.27 -15.91 -4.05
CA LEU D 21 18.21 -16.93 -3.58
C LEU D 21 19.13 -17.40 -4.70
N LEU D 22 18.57 -17.63 -5.89
CA LEU D 22 19.36 -18.06 -7.02
C LEU D 22 20.29 -16.94 -7.50
N ILE D 23 19.80 -15.71 -7.43
CA ILE D 23 20.55 -14.55 -7.87
C ILE D 23 21.79 -14.31 -7.02
N VAL D 24 21.62 -14.37 -5.70
CA VAL D 24 22.73 -14.12 -4.79
C VAL D 24 23.75 -15.26 -4.74
N ASN D 25 23.53 -16.28 -5.56
CA ASN D 25 24.48 -17.40 -5.67
C ASN D 25 25.11 -17.43 -7.07
N SER D 26 24.74 -16.45 -7.90
CA SER D 26 25.30 -16.36 -9.25
C SER D 26 26.51 -15.44 -9.29
N PRO D 31 27.61 -6.71 -7.42
CA PRO D 31 27.09 -5.84 -8.48
C PRO D 31 25.88 -5.05 -8.00
N GLU D 32 26.10 -4.15 -7.05
CA GLU D 32 24.99 -3.54 -6.30
C GLU D 32 24.36 -2.30 -6.94
N VAL D 33 23.34 -1.81 -6.25
CA VAL D 33 22.39 -0.76 -6.69
C VAL D 33 21.68 -1.15 -7.99
N TYR D 34 21.64 -2.46 -8.27
CA TYR D 34 20.51 -3.19 -8.92
C TYR D 34 20.55 -4.69 -8.69
N VAL D 35 19.38 -5.23 -8.45
CA VAL D 35 19.22 -6.66 -8.36
C VAL D 35 18.22 -7.05 -9.45
N PRO D 36 18.58 -8.06 -10.26
CA PRO D 36 17.68 -8.53 -11.32
C PRO D 36 16.34 -8.99 -10.77
N THR D 37 15.27 -8.73 -11.51
CA THR D 37 13.95 -9.17 -11.11
C THR D 37 13.76 -10.61 -11.53
N VAL D 38 14.34 -10.95 -12.69
CA VAL D 38 14.19 -12.29 -13.24
C VAL D 38 15.53 -12.99 -13.35
N PHE D 39 15.47 -14.33 -13.41
CA PHE D 39 16.67 -15.16 -13.41
C PHE D 39 16.47 -16.33 -14.37
N GLU D 40 17.31 -16.43 -15.39
CA GLU D 40 17.24 -17.56 -16.31
C GLU D 40 18.18 -18.68 -15.86
N ASN D 41 18.04 -19.85 -16.47
CA ASN D 41 18.83 -21.03 -16.13
C ASN D 41 20.32 -20.73 -16.13
N TYR D 42 20.98 -21.12 -15.05
CA TYR D 42 22.39 -20.83 -14.87
C TYR D 42 23.06 -22.03 -14.20
N VAL D 43 24.26 -22.35 -14.63
CA VAL D 43 25.00 -23.45 -14.03
C VAL D 43 26.06 -22.91 -13.08
N ALA D 44 25.92 -23.24 -11.81
CA ALA D 44 26.90 -22.84 -10.81
C ALA D 44 27.90 -23.96 -10.60
N ASP D 45 29.17 -23.59 -10.42
CA ASP D 45 30.20 -24.57 -10.11
C ASP D 45 30.35 -24.69 -8.60
N ILE D 46 30.04 -25.85 -8.06
CA ILE D 46 30.05 -26.05 -6.61
C ILE D 46 30.96 -27.20 -6.18
N GLU D 47 31.77 -26.97 -5.16
CA GLU D 47 32.59 -28.04 -4.60
C GLU D 47 32.12 -28.50 -3.23
N VAL D 48 31.73 -29.77 -3.16
CA VAL D 48 31.40 -30.41 -1.91
C VAL D 48 32.03 -31.79 -1.85
N ASP D 49 32.61 -32.10 -0.70
CA ASP D 49 33.15 -33.43 -0.43
C ASP D 49 34.14 -33.90 -1.49
N GLY D 50 35.00 -33.00 -1.94
CA GLY D 50 36.03 -33.33 -2.91
C GLY D 50 35.50 -33.58 -4.31
N LYS D 51 34.26 -33.19 -4.55
CA LYS D 51 33.64 -33.37 -5.86
C LYS D 51 33.30 -32.03 -6.51
N GLN D 52 33.70 -31.84 -7.76
CA GLN D 52 33.32 -30.68 -8.55
C GLN D 52 31.98 -30.93 -9.27
N VAL D 53 30.95 -30.16 -8.95
CA VAL D 53 29.65 -30.36 -9.57
C VAL D 53 29.19 -29.14 -10.37
N GLU D 54 28.74 -29.38 -11.58
CA GLU D 54 28.06 -28.35 -12.35
C GLU D 54 26.58 -28.40 -11.99
N LEU D 55 26.15 -27.46 -11.17
CA LEU D 55 24.79 -27.46 -10.66
C LEU D 55 23.88 -26.52 -11.46
N ALA D 56 23.03 -27.11 -12.30
CA ALA D 56 22.10 -26.33 -13.10
C ALA D 56 20.93 -25.86 -12.25
N LEU D 57 20.74 -24.54 -12.19
CA LEU D 57 19.68 -23.96 -11.38
C LEU D 57 18.48 -23.57 -12.23
N TRP D 58 17.34 -24.18 -11.94
CA TRP D 58 16.10 -23.90 -12.66
C TRP D 58 15.11 -23.18 -11.74
N ASP D 59 14.79 -21.93 -12.07
CA ASP D 59 13.79 -21.18 -11.33
C ASP D 59 12.39 -21.53 -11.83
N THR D 60 11.41 -21.52 -10.93
CA THR D 60 10.03 -21.79 -11.33
C THR D 60 9.15 -20.57 -11.11
N ALA D 61 9.77 -19.43 -10.83
CA ALA D 61 9.05 -18.19 -10.62
C ALA D 61 8.19 -17.84 -11.83
N GLY D 62 6.94 -17.50 -11.57
CA GLY D 62 6.01 -17.15 -12.63
C GLY D 62 5.18 -18.33 -13.12
N GLN D 63 5.54 -19.53 -12.67
CA GLN D 63 4.86 -20.74 -13.11
C GLN D 63 3.79 -21.21 -12.13
N GLU D 64 3.73 -20.54 -10.97
CA GLU D 64 2.83 -20.93 -9.89
C GLU D 64 1.36 -21.01 -10.31
N ASP D 65 0.96 -20.16 -11.25
CA ASP D 65 -0.46 -20.06 -11.64
C ASP D 65 -0.79 -20.89 -12.88
N TYR D 66 0.19 -21.60 -13.42
CA TYR D 66 -0.02 -22.33 -14.67
C TYR D 66 0.29 -23.80 -14.51
N ASP D 67 -0.72 -24.55 -14.06
CA ASP D 67 -0.56 -25.94 -13.64
C ASP D 67 -0.20 -26.89 -14.77
N ARG D 68 -0.50 -26.50 -16.01
CA ARG D 68 -0.18 -27.33 -17.16
C ARG D 68 1.26 -27.13 -17.61
N LEU D 69 1.70 -25.87 -17.55
CA LEU D 69 3.04 -25.50 -18.00
C LEU D 69 4.13 -25.84 -16.99
N ARG D 70 3.81 -25.65 -15.72
CA ARG D 70 4.78 -25.82 -14.63
C ARG D 70 5.52 -27.17 -14.59
N PRO D 71 4.80 -28.30 -14.75
CA PRO D 71 5.51 -29.59 -14.60
C PRO D 71 6.60 -29.87 -15.63
N LEU D 72 6.71 -29.03 -16.66
CA LEU D 72 7.76 -29.20 -17.65
C LEU D 72 9.15 -28.92 -17.06
N SER D 73 9.18 -28.25 -15.90
CA SER D 73 10.44 -27.95 -15.22
C SER D 73 10.99 -29.16 -14.48
N TYR D 74 10.13 -30.15 -14.24
CA TYR D 74 10.47 -31.26 -13.35
C TYR D 74 11.29 -32.43 -13.89
N PRO D 75 11.18 -32.78 -15.19
CA PRO D 75 11.96 -33.94 -15.64
C PRO D 75 13.47 -33.86 -15.38
N ASP D 76 14.05 -34.99 -15.02
CA ASP D 76 15.50 -35.17 -14.86
C ASP D 76 16.07 -34.32 -13.72
N THR D 77 15.21 -33.97 -12.76
CA THR D 77 15.66 -33.20 -11.60
C THR D 77 16.45 -34.09 -10.64
N ASP D 78 17.57 -33.58 -10.14
CA ASP D 78 18.40 -34.34 -9.21
C ASP D 78 18.22 -33.91 -7.75
N VAL D 79 17.79 -32.67 -7.55
CA VAL D 79 17.49 -32.18 -6.21
C VAL D 79 16.42 -31.09 -6.29
N ILE D 80 15.48 -31.13 -5.37
CA ILE D 80 14.44 -30.12 -5.28
C ILE D 80 14.74 -29.16 -4.13
N LEU D 81 14.79 -27.88 -4.45
CA LEU D 81 14.96 -26.86 -3.43
C LEU D 81 13.57 -26.32 -3.06
N MET D 82 13.04 -26.79 -1.94
CA MET D 82 11.71 -26.42 -1.47
C MET D 82 11.77 -25.18 -0.58
N CYS D 83 11.11 -24.11 -1.00
CA CYS D 83 11.27 -22.80 -0.37
C CYS D 83 10.03 -22.28 0.33
N PHE D 84 10.24 -21.64 1.49
CA PHE D 84 9.22 -20.83 2.13
C PHE D 84 9.92 -19.62 2.76
N SER D 85 9.15 -18.60 3.12
CA SER D 85 9.75 -17.44 3.77
C SER D 85 9.38 -17.43 5.25
N ILE D 86 10.37 -17.19 6.10
CA ILE D 86 10.18 -17.24 7.55
C ILE D 86 9.22 -16.14 8.02
N ASP D 87 9.08 -15.08 7.23
CA ASP D 87 8.14 -14.03 7.55
C ASP D 87 6.73 -14.37 7.08
N SER D 88 6.55 -15.57 6.54
CA SER D 88 5.24 -15.96 6.01
C SER D 88 4.89 -17.42 6.32
N PRO D 89 4.19 -17.64 7.44
CA PRO D 89 3.66 -18.95 7.84
C PRO D 89 2.74 -19.56 6.78
N ASP D 90 2.07 -18.71 6.01
CA ASP D 90 1.22 -19.19 4.93
C ASP D 90 2.03 -19.89 3.85
N SER D 91 3.21 -19.35 3.57
CA SER D 91 4.10 -19.95 2.57
C SER D 91 4.62 -21.30 3.06
N LEU D 92 4.73 -21.44 4.37
CA LEU D 92 5.17 -22.71 4.95
C LEU D 92 4.07 -23.76 4.89
N GLU D 93 2.83 -23.32 5.13
CA GLU D 93 1.69 -24.23 5.12
C GLU D 93 1.40 -24.71 3.71
N ASN D 94 1.83 -23.96 2.71
CA ASN D 94 1.67 -24.38 1.33
C ASN D 94 2.64 -25.50 0.94
N ILE D 95 3.67 -25.70 1.77
CA ILE D 95 4.62 -26.77 1.52
C ILE D 95 3.93 -28.15 1.63
N PRO D 96 3.27 -28.45 2.78
CA PRO D 96 2.61 -29.75 2.79
C PRO D 96 1.31 -29.77 1.99
N GLU D 97 0.67 -28.62 1.84
CA GLU D 97 -0.63 -28.56 1.18
C GLU D 97 -0.54 -28.67 -0.35
N LYS D 98 0.47 -28.04 -0.94
CA LYS D 98 0.53 -27.94 -2.40
C LYS D 98 1.82 -28.48 -2.99
N TRP D 99 2.96 -27.95 -2.57
CA TRP D 99 4.21 -28.22 -3.27
C TRP D 99 4.75 -29.63 -3.04
N THR D 100 4.64 -30.14 -1.82
CA THR D 100 5.16 -31.48 -1.56
C THR D 100 4.35 -32.55 -2.30
N PRO D 101 3.00 -32.50 -2.25
CA PRO D 101 2.28 -33.48 -3.07
C PRO D 101 2.66 -33.43 -4.55
N GLU D 102 2.82 -32.23 -5.09
CA GLU D 102 3.20 -32.06 -6.48
C GLU D 102 4.60 -32.61 -6.77
N VAL D 103 5.55 -32.29 -5.89
CA VAL D 103 6.92 -32.74 -6.07
C VAL D 103 7.03 -34.25 -5.92
N LYS D 104 6.31 -34.82 -4.94
CA LYS D 104 6.29 -36.27 -4.75
C LYS D 104 5.75 -36.98 -6.00
N HIS D 105 4.80 -36.32 -6.67
CA HIS D 105 4.15 -36.91 -7.83
C HIS D 105 4.99 -36.83 -9.10
N PHE D 106 5.54 -35.65 -9.37
CA PHE D 106 6.32 -35.43 -10.59
C PHE D 106 7.80 -35.75 -10.42
N CYS D 107 8.29 -35.75 -9.18
CA CYS D 107 9.68 -36.07 -8.91
C CYS D 107 9.84 -37.16 -7.85
N PRO D 108 9.35 -38.37 -8.14
CA PRO D 108 9.48 -39.41 -7.12
C PRO D 108 10.94 -39.78 -6.88
N ASN D 109 11.28 -40.04 -5.62
CA ASN D 109 12.64 -40.43 -5.21
C ASN D 109 13.70 -39.36 -5.50
N VAL D 110 13.26 -38.14 -5.73
CA VAL D 110 14.20 -37.04 -5.88
C VAL D 110 14.37 -36.34 -4.53
N PRO D 111 15.63 -36.23 -4.07
CA PRO D 111 15.88 -35.64 -2.75
C PRO D 111 15.43 -34.19 -2.67
N ILE D 112 14.90 -33.82 -1.50
CA ILE D 112 14.38 -32.50 -1.26
C ILE D 112 15.12 -31.83 -0.11
N ILE D 113 15.52 -30.58 -0.29
CA ILE D 113 15.96 -29.80 0.86
C ILE D 113 14.95 -28.69 1.11
N LEU D 114 14.60 -28.51 2.37
CA LEU D 114 13.67 -27.46 2.77
C LEU D 114 14.45 -26.22 3.19
N VAL D 115 14.07 -25.07 2.64
CA VAL D 115 14.79 -23.83 2.94
C VAL D 115 13.84 -22.73 3.38
N GLY D 116 14.12 -22.17 4.56
CA GLY D 116 13.41 -20.99 5.03
C GLY D 116 14.23 -19.76 4.71
N ASN D 117 13.72 -18.94 3.78
CA ASN D 117 14.41 -17.73 3.38
C ASN D 117 13.95 -16.55 4.23
N LYS D 118 14.66 -15.42 4.10
CA LYS D 118 14.33 -14.18 4.82
C LYS D 118 14.36 -14.39 6.34
N LYS D 119 15.39 -15.07 6.82
CA LYS D 119 15.53 -15.32 8.25
C LYS D 119 15.83 -14.02 9.00
N ASP D 120 16.32 -13.02 8.27
CA ASP D 120 16.63 -11.72 8.87
C ASP D 120 15.37 -10.99 9.32
N LEU D 121 14.22 -11.43 8.82
CA LEU D 121 12.94 -10.82 9.20
C LEU D 121 12.32 -11.47 10.43
N ARG D 122 12.94 -12.53 10.93
CA ARG D 122 12.38 -13.26 12.07
C ARG D 122 12.23 -12.37 13.31
N ASN D 123 13.25 -11.56 13.58
CA ASN D 123 13.21 -10.67 14.72
C ASN D 123 12.97 -9.21 14.29
N ASP D 124 12.34 -9.04 13.13
CA ASP D 124 11.97 -7.72 12.65
C ASP D 124 10.61 -7.31 13.21
N GLU D 125 10.59 -6.19 13.92
CA GLU D 125 9.37 -5.72 14.56
C GLU D 125 8.22 -5.43 13.65
N HIS D 126 8.49 -4.76 12.55
CA HIS D 126 7.48 -4.44 11.56
C HIS D 126 6.83 -5.72 11.02
N THR D 127 7.67 -6.69 10.68
CA THR D 127 7.18 -8.01 10.28
C THR D 127 6.33 -8.63 11.37
N ARG D 128 6.82 -8.57 12.61
CA ARG D 128 6.13 -9.20 13.74
C ARG D 128 4.78 -8.55 14.04
N ARG D 129 4.69 -7.24 13.83
CA ARG D 129 3.48 -6.47 14.05
C ARG D 129 2.47 -6.73 12.98
N GLU D 130 2.91 -6.71 11.74
CA GLU D 130 2.03 -6.94 10.60
C GLU D 130 1.44 -8.35 10.65
N LEU D 131 2.27 -9.31 11.06
CA LEU D 131 1.82 -10.69 11.21
C LEU D 131 0.89 -10.85 12.41
N ALA D 132 1.16 -10.11 13.47
CA ALA D 132 0.32 -10.13 14.66
C ALA D 132 -1.11 -9.73 14.32
N LYS D 133 -1.25 -8.84 13.34
CA LYS D 133 -2.55 -8.42 12.85
C LYS D 133 -3.35 -9.61 12.32
N MET D 134 -2.64 -10.56 11.70
CA MET D 134 -3.28 -11.72 11.10
C MET D 134 -3.20 -12.93 12.03
N LYS D 135 -3.03 -12.64 13.32
CA LYS D 135 -3.00 -13.67 14.35
C LYS D 135 -1.82 -14.62 14.15
N GLN D 136 -0.76 -14.11 13.52
CA GLN D 136 0.39 -14.94 13.16
C GLN D 136 1.69 -14.41 13.73
N GLU D 137 2.73 -15.21 13.62
CA GLU D 137 4.08 -14.84 14.04
C GLU D 137 5.07 -15.49 13.06
N PRO D 138 6.29 -14.94 12.97
CA PRO D 138 7.30 -15.54 12.08
C PRO D 138 7.54 -17.02 12.38
N VAL D 139 7.89 -17.78 11.35
CA VAL D 139 8.14 -19.21 11.50
C VAL D 139 9.34 -19.46 12.41
N LYS D 140 9.16 -20.35 13.37
CA LYS D 140 10.24 -20.74 14.27
C LYS D 140 11.10 -21.81 13.64
N PRO D 141 12.41 -21.84 13.98
CA PRO D 141 13.33 -22.83 13.43
C PRO D 141 12.87 -24.26 13.68
N GLU D 142 12.25 -24.49 14.83
CA GLU D 142 11.73 -25.81 15.19
C GLU D 142 10.62 -26.24 14.25
N GLU D 143 9.83 -25.28 13.78
CA GLU D 143 8.74 -25.56 12.85
C GLU D 143 9.28 -25.99 11.50
N GLY D 144 10.34 -25.32 11.05
CA GLY D 144 10.99 -25.65 9.80
C GLY D 144 11.60 -27.04 9.86
N ARG D 145 12.34 -27.30 10.93
CA ARG D 145 12.95 -28.61 11.13
C ARG D 145 11.91 -29.72 11.18
N ASP D 146 10.78 -29.44 11.82
CA ASP D 146 9.72 -30.43 11.94
C ASP D 146 9.08 -30.74 10.59
N MET D 147 8.84 -29.70 9.79
CA MET D 147 8.26 -29.88 8.46
C MET D 147 9.20 -30.66 7.57
N ALA D 148 10.50 -30.41 7.71
CA ALA D 148 11.51 -31.12 6.93
C ALA D 148 11.44 -32.62 7.21
N ASN D 149 11.16 -32.96 8.46
CA ASN D 149 10.98 -34.36 8.83
C ASN D 149 9.72 -34.93 8.20
N ARG D 150 8.65 -34.16 8.26
CA ARG D 150 7.34 -34.60 7.77
C ARG D 150 7.34 -34.89 6.27
N ILE D 151 8.09 -34.10 5.50
CA ILE D 151 8.07 -34.26 4.05
C ILE D 151 9.21 -35.14 3.56
N GLY D 152 10.01 -35.65 4.51
CA GLY D 152 11.11 -36.54 4.17
C GLY D 152 12.26 -35.83 3.49
N ALA D 153 12.54 -34.61 3.92
CA ALA D 153 13.59 -33.81 3.31
C ALA D 153 14.97 -34.31 3.72
N PHE D 154 15.93 -34.15 2.81
CA PHE D 154 17.32 -34.50 3.06
C PHE D 154 17.90 -33.66 4.20
N GLY D 155 17.41 -32.43 4.31
CA GLY D 155 17.89 -31.52 5.32
C GLY D 155 17.10 -30.22 5.33
N TYR D 156 17.32 -29.44 6.38
CA TYR D 156 16.70 -28.13 6.52
C TYR D 156 17.76 -27.12 6.86
N MET D 157 17.65 -25.93 6.27
CA MET D 157 18.40 -24.80 6.79
C MET D 157 17.78 -23.48 6.34
N GLU D 158 18.24 -22.42 6.97
CA GLU D 158 17.66 -21.10 6.77
C GLU D 158 18.72 -20.17 6.20
N CYS D 159 18.25 -19.12 5.54
CA CYS D 159 19.16 -18.17 4.92
C CYS D 159 18.53 -16.81 4.74
N SER D 160 19.37 -15.84 4.43
CA SER D 160 18.90 -14.49 4.13
C SER D 160 19.57 -14.01 2.84
N ALA D 161 18.79 -13.86 1.79
CA ALA D 161 19.31 -13.32 0.54
C ALA D 161 19.81 -11.90 0.75
N LYS D 162 19.18 -11.22 1.71
CA LYS D 162 19.60 -9.89 2.13
C LYS D 162 21.08 -9.85 2.51
N THR D 163 21.42 -10.61 3.54
CA THR D 163 22.76 -10.59 4.12
C THR D 163 23.67 -11.66 3.54
N LYS D 164 23.10 -12.45 2.62
CA LYS D 164 23.78 -13.60 2.00
C LYS D 164 24.17 -14.64 3.04
N ASP D 165 23.70 -14.47 4.27
CA ASP D 165 23.94 -15.42 5.35
C ASP D 165 23.24 -16.74 5.05
N GLY D 166 24.03 -17.81 4.93
CA GLY D 166 23.49 -19.15 4.76
C GLY D 166 23.25 -19.60 3.33
N VAL D 167 23.27 -18.66 2.38
CA VAL D 167 22.94 -18.97 0.99
C VAL D 167 23.87 -19.99 0.37
N ARG D 168 25.17 -19.76 0.51
CA ARG D 168 26.16 -20.67 -0.03
C ARG D 168 25.99 -22.08 0.54
N GLU D 169 25.67 -22.16 1.82
CA GLU D 169 25.48 -23.44 2.50
C GLU D 169 24.22 -24.15 2.02
N VAL D 170 23.22 -23.39 1.59
CA VAL D 170 21.99 -23.98 1.06
C VAL D 170 22.30 -24.77 -0.22
N PHE D 171 23.07 -24.17 -1.12
CA PHE D 171 23.35 -24.83 -2.39
C PHE D 171 24.40 -25.93 -2.24
N GLU D 172 25.21 -25.83 -1.19
CA GLU D 172 26.13 -26.92 -0.86
C GLU D 172 25.37 -28.13 -0.33
N MET D 173 24.35 -27.90 0.49
CA MET D 173 23.48 -28.97 0.97
C MET D 173 22.72 -29.60 -0.20
N ALA D 174 22.25 -28.76 -1.12
CA ALA D 174 21.52 -29.25 -2.28
C ALA D 174 22.42 -30.16 -3.12
N THR D 175 23.67 -29.73 -3.31
CA THR D 175 24.59 -30.51 -4.11
C THR D 175 24.90 -31.85 -3.45
N ARG D 176 25.06 -31.85 -2.13
CA ARG D 176 25.28 -33.09 -1.39
C ARG D 176 24.07 -34.02 -1.53
N ALA D 177 22.88 -33.45 -1.44
CA ALA D 177 21.65 -34.22 -1.60
C ALA D 177 21.57 -34.83 -3.00
N ALA D 178 21.96 -34.06 -3.99
CA ALA D 178 21.92 -34.50 -5.38
C ALA D 178 22.93 -35.62 -5.64
N LEU D 179 24.04 -35.61 -4.91
CA LEU D 179 25.09 -36.59 -5.10
C LEU D 179 24.77 -37.93 -4.44
N GLN D 180 23.73 -37.94 -3.62
CA GLN D 180 23.32 -39.13 -2.89
C GLN D 180 23.07 -40.32 -3.80
#